data_7M1L
#
_entry.id   7M1L
#
_cell.length_a   124.372
_cell.length_b   147.439
_cell.length_c   99.338
_cell.angle_alpha   90.000
_cell.angle_beta   121.730
_cell.angle_gamma   90.000
#
_symmetry.space_group_name_H-M   'C 1 2 1'
#
loop_
_entity.id
_entity.type
_entity.pdbx_description
1 polymer 'ATP-dependent Clp protease proteolytic subunit'
2 non-polymer 'PHOSPHATE ION'
3 water water
#
_entity_poly.entity_id   1
_entity_poly.type   'polypeptide(L)'
_entity_poly.pdbx_seq_one_letter_code
;MKTDDKDREGGDSHGAIGAKLMEYALKVRKVFVTGGVDEKMAKDVVQQLHILASISDDPIYMFVNSPGGHVESGDMIFDA
IRFITPKVIMIGSGSVASAGALIYAAADKENRYSLPNTRFLLHQPSGGIQGPASNIEIYRREIVRMKERLDRIFAEATGQ
TPEKISADTERDFWLNAEEAVQYGLVNKIIVSEREITLPGQSGWSHPQFEK
;
_entity_poly.pdbx_strand_id   A,B,C,D,E,F,G
#
# COMPACT_ATOMS: atom_id res chain seq x y z
N HIS A 14 -3.77 8.21 1.22
CA HIS A 14 -4.07 8.74 2.54
C HIS A 14 -4.49 7.60 3.49
N GLY A 15 -4.66 6.39 2.92
CA GLY A 15 -4.99 5.24 3.74
C GLY A 15 -3.95 4.98 4.81
N ALA A 16 -2.67 5.12 4.47
CA ALA A 16 -1.62 4.84 5.45
C ALA A 16 -1.68 5.84 6.61
N ILE A 17 -1.95 7.11 6.31
CA ILE A 17 -2.06 8.08 7.39
C ILE A 17 -3.28 7.77 8.26
N GLY A 18 -4.42 7.53 7.61
CA GLY A 18 -5.62 7.19 8.36
C GLY A 18 -5.44 5.94 9.21
N ALA A 19 -4.73 4.95 8.67
CA ALA A 19 -4.50 3.72 9.43
C ALA A 19 -3.66 3.97 10.67
N LYS A 20 -2.62 4.80 10.56
CA LYS A 20 -1.81 5.11 11.73
C LYS A 20 -2.58 5.97 12.75
N LEU A 21 -3.34 6.95 12.29
CA LEU A 21 -4.15 7.74 13.24
C LEU A 21 -5.19 6.84 13.91
N MET A 22 -5.76 5.91 13.15
CA MET A 22 -6.64 4.88 13.70
C MET A 22 -5.99 4.14 14.85
N GLU A 23 -4.78 3.64 14.62
CA GLU A 23 -4.08 2.86 15.63
C GLU A 23 -3.87 3.67 16.91
N TYR A 24 -3.40 4.92 16.79
CA TYR A 24 -3.17 5.75 17.97
C TYR A 24 -4.46 6.08 18.69
N ALA A 25 -5.52 6.36 17.94
CA ALA A 25 -6.81 6.71 18.55
C ALA A 25 -7.35 5.53 19.36
N LEU A 26 -7.21 4.33 18.84
CA LEU A 26 -7.61 3.15 19.60
C LEU A 26 -6.83 3.04 20.91
N LYS A 27 -5.53 3.33 20.87
CA LYS A 27 -4.73 3.21 22.08
C LYS A 27 -5.17 4.22 23.14
N VAL A 28 -5.76 5.34 22.74
CA VAL A 28 -6.24 6.33 23.71
C VAL A 28 -7.76 6.29 23.83
N ARG A 29 -8.41 5.28 23.26
CA ARG A 29 -9.84 5.01 23.43
C ARG A 29 -10.69 6.18 22.95
N LYS A 30 -10.35 6.70 21.77
CA LYS A 30 -11.12 7.77 21.15
C LYS A 30 -11.56 7.28 19.79
N VAL A 31 -12.84 7.47 19.48
CA VAL A 31 -13.45 7.06 18.22
C VAL A 31 -14.07 8.31 17.61
N PHE A 32 -13.80 8.53 16.33
CA PHE A 32 -14.27 9.71 15.61
C PHE A 32 -15.31 9.28 14.60
N VAL A 33 -16.49 9.90 14.68
CA VAL A 33 -17.59 9.75 13.75
C VAL A 33 -17.74 11.08 13.05
N THR A 34 -17.11 11.23 11.90
CA THR A 34 -16.99 12.50 11.22
C THR A 34 -17.57 12.34 9.82
N GLY A 35 -18.49 13.22 9.44
CA GLY A 35 -19.05 13.17 8.11
C GLY A 35 -20.21 12.20 7.97
N GLY A 36 -20.52 11.90 6.71
CA GLY A 36 -21.65 11.05 6.40
C GLY A 36 -21.54 9.66 6.95
N VAL A 37 -22.60 9.17 7.60
CA VAL A 37 -22.62 7.83 8.16
C VAL A 37 -22.99 6.85 7.05
N ASP A 38 -22.05 6.01 6.64
CA ASP A 38 -22.31 5.02 5.61
C ASP A 38 -21.88 3.64 6.10
N GLU A 39 -22.06 2.63 5.26
CA GLU A 39 -21.73 1.27 5.66
C GLU A 39 -20.26 1.14 6.02
N LYS A 40 -19.40 1.86 5.29
CA LYS A 40 -17.96 1.78 5.54
C LYS A 40 -17.62 2.30 6.92
N MET A 41 -18.18 3.44 7.30
CA MET A 41 -17.93 3.93 8.65
C MET A 41 -18.46 2.96 9.69
N ALA A 42 -19.66 2.43 9.46
CA ALA A 42 -20.27 1.53 10.43
C ALA A 42 -19.41 0.30 10.66
N LYS A 43 -18.91 -0.30 9.58
CA LYS A 43 -18.03 -1.46 9.73
C LYS A 43 -16.83 -1.11 10.62
N ASP A 44 -16.21 0.06 10.36
CA ASP A 44 -15.03 0.45 11.13
C ASP A 44 -15.37 0.79 12.57
N VAL A 45 -16.43 1.59 12.79
CA VAL A 45 -16.74 2.02 14.15
C VAL A 45 -17.15 0.83 15.01
N VAL A 46 -17.96 -0.07 14.46
CA VAL A 46 -18.37 -1.26 15.20
C VAL A 46 -17.14 -2.09 15.58
N GLN A 47 -16.20 -2.28 14.65
CA GLN A 47 -15.02 -3.03 15.03
C GLN A 47 -14.22 -2.32 16.11
N GLN A 48 -14.05 -1.00 15.98
CA GLN A 48 -13.31 -0.25 16.98
C GLN A 48 -13.90 -0.42 18.36
N LEU A 49 -15.23 -0.32 18.47
CA LEU A 49 -15.89 -0.45 19.77
C LEU A 49 -15.64 -1.81 20.39
N HIS A 50 -15.77 -2.87 19.59
CA HIS A 50 -15.57 -4.23 20.10
C HIS A 50 -14.10 -4.49 20.45
N ILE A 51 -13.16 -3.95 19.68
CA ILE A 51 -11.75 -4.08 20.04
C ILE A 51 -11.49 -3.39 21.38
N LEU A 52 -11.98 -2.16 21.54
CA LEU A 52 -11.75 -1.43 22.77
C LEU A 52 -12.36 -2.15 23.97
N ALA A 53 -13.55 -2.72 23.80
CA ALA A 53 -14.19 -3.44 24.90
C ALA A 53 -13.41 -4.70 25.30
N SER A 54 -12.78 -5.37 24.33
CA SER A 54 -11.97 -6.54 24.67
C SER A 54 -10.72 -6.13 25.44
N ILE A 55 -10.22 -4.92 25.21
CA ILE A 55 -9.00 -4.46 25.87
C ILE A 55 -9.28 -4.10 27.32
N SER A 56 -10.38 -3.39 27.58
CA SER A 56 -10.71 -3.02 28.96
C SER A 56 -12.13 -2.49 29.03
N ASP A 57 -12.60 -2.35 30.27
CA ASP A 57 -13.90 -1.75 30.53
C ASP A 57 -13.83 -0.23 30.70
N ASP A 58 -12.67 0.38 30.48
CA ASP A 58 -12.52 1.82 30.67
C ASP A 58 -13.38 2.59 29.66
N PRO A 59 -13.78 3.82 29.99
CA PRO A 59 -14.64 4.58 29.08
C PRO A 59 -14.02 4.78 27.70
N ILE A 60 -14.91 4.99 26.74
CA ILE A 60 -14.57 5.27 25.35
C ILE A 60 -15.15 6.63 25.01
N TYR A 61 -14.33 7.49 24.41
CA TYR A 61 -14.78 8.81 24.00
C TYR A 61 -15.12 8.80 22.52
N MET A 62 -16.34 9.20 22.20
CA MET A 62 -16.82 9.24 20.83
C MET A 62 -17.17 10.68 20.45
N PHE A 63 -16.55 11.16 19.38
CA PHE A 63 -16.72 12.52 18.88
C PHE A 63 -17.54 12.44 17.61
N VAL A 64 -18.71 13.06 17.64
CA VAL A 64 -19.69 12.98 16.56
C VAL A 64 -19.86 14.37 15.94
N ASN A 65 -19.61 14.45 14.65
CA ASN A 65 -19.86 15.63 13.83
C ASN A 65 -20.29 15.12 12.46
N SER A 66 -21.59 14.96 12.27
CA SER A 66 -22.10 14.29 11.07
C SER A 66 -23.34 14.95 10.50
N PRO A 67 -23.37 15.22 9.19
CA PRO A 67 -24.56 15.82 8.57
C PRO A 67 -25.67 14.83 8.24
N GLY A 68 -25.49 13.54 8.49
CA GLY A 68 -26.50 12.55 8.20
C GLY A 68 -25.87 11.25 7.71
N GLY A 69 -26.67 10.44 7.03
CA GLY A 69 -26.16 9.22 6.44
C GLY A 69 -27.21 8.11 6.47
N HIS A 70 -26.72 6.88 6.32
CA HIS A 70 -27.55 5.68 6.23
C HIS A 70 -28.06 5.27 7.61
N VAL A 71 -29.37 5.18 7.76
CA VAL A 71 -29.92 4.95 9.10
C VAL A 71 -29.57 3.55 9.59
N GLU A 72 -29.60 2.56 8.72
CA GLU A 72 -29.20 1.22 9.11
C GLU A 72 -27.75 1.17 9.56
N SER A 73 -26.90 2.02 8.98
CA SER A 73 -25.51 2.09 9.42
C SER A 73 -25.42 2.78 10.76
N GLY A 74 -26.23 3.82 10.97
CA GLY A 74 -26.33 4.39 12.30
C GLY A 74 -26.83 3.38 13.31
N ASP A 75 -27.75 2.52 12.89
CA ASP A 75 -28.32 1.51 13.78
C ASP A 75 -27.26 0.55 14.28
N MET A 76 -26.36 0.13 13.39
CA MET A 76 -25.30 -0.79 13.77
C MET A 76 -24.41 -0.19 14.84
N ILE A 77 -24.07 1.09 14.71
CA ILE A 77 -23.24 1.76 15.71
C ILE A 77 -24.01 1.89 17.01
N PHE A 78 -25.27 2.31 16.92
CA PHE A 78 -26.16 2.38 18.10
C PHE A 78 -26.18 1.06 18.87
N ASP A 79 -26.45 -0.04 18.16
CA ASP A 79 -26.52 -1.33 18.81
C ASP A 79 -25.19 -1.71 19.44
N ALA A 80 -24.08 -1.42 18.77
CA ALA A 80 -22.77 -1.77 19.31
C ALA A 80 -22.48 -0.98 20.59
N ILE A 81 -22.80 0.31 20.59
CA ILE A 81 -22.60 1.11 21.80
C ILE A 81 -23.35 0.51 22.98
N ARG A 82 -24.61 0.15 22.76
CA ARG A 82 -25.41 -0.37 23.85
C ARG A 82 -24.92 -1.74 24.30
N PHE A 83 -24.39 -2.54 23.37
CA PHE A 83 -24.03 -3.93 23.64
C PHE A 83 -22.75 -4.04 24.46
N ILE A 84 -21.73 -3.23 24.15
CA ILE A 84 -20.45 -3.37 24.85
C ILE A 84 -20.56 -2.86 26.28
N THR A 85 -19.62 -3.31 27.10
CA THR A 85 -19.58 -3.02 28.52
C THR A 85 -19.02 -1.61 28.81
N PRO A 86 -17.99 -1.16 28.10
CA PRO A 86 -17.50 0.21 28.37
C PRO A 86 -18.57 1.27 28.12
N LYS A 87 -18.59 2.28 28.99
CA LYS A 87 -19.47 3.41 28.74
C LYS A 87 -18.92 4.32 27.67
N VAL A 88 -19.80 4.75 26.75
CA VAL A 88 -19.36 5.63 25.66
C VAL A 88 -19.67 7.06 26.07
N ILE A 89 -18.63 7.87 26.12
CA ILE A 89 -18.77 9.30 26.40
C ILE A 89 -18.92 10.03 25.06
N MET A 90 -20.05 10.69 24.87
CA MET A 90 -20.50 11.23 23.58
C MET A 90 -20.33 12.74 23.56
N ILE A 91 -19.54 13.23 22.61
CA ILE A 91 -19.28 14.66 22.44
C ILE A 91 -19.73 15.07 21.04
N GLY A 92 -20.77 15.93 21.00
CA GLY A 92 -21.32 16.43 19.76
C GLY A 92 -20.78 17.78 19.40
N SER A 93 -20.33 17.92 18.15
CA SER A 93 -19.78 19.14 17.59
C SER A 93 -20.33 19.34 16.19
N GLY A 94 -20.42 20.60 15.78
CA GLY A 94 -20.81 20.93 14.42
C GLY A 94 -22.27 20.64 14.15
N SER A 95 -22.50 19.58 13.38
CA SER A 95 -23.85 19.08 13.10
C SER A 95 -23.99 17.66 13.65
N VAL A 96 -25.12 17.38 14.27
CA VAL A 96 -25.45 16.01 14.71
C VAL A 96 -26.81 15.72 14.09
N ALA A 97 -26.83 15.12 12.91
CA ALA A 97 -28.07 15.02 12.15
C ALA A 97 -28.40 13.58 11.75
N SER A 98 -29.69 13.24 11.81
CA SER A 98 -30.20 11.98 11.29
C SER A 98 -29.43 10.80 11.87
N ALA A 99 -28.73 10.04 11.00
CA ALA A 99 -28.01 8.87 11.48
C ALA A 99 -27.03 9.22 12.59
N GLY A 100 -26.40 10.40 12.49
CA GLY A 100 -25.51 10.86 13.54
C GLY A 100 -26.20 11.13 14.86
N ALA A 101 -27.43 11.63 14.81
CA ALA A 101 -28.20 11.82 16.04
C ALA A 101 -28.63 10.48 16.63
N LEU A 102 -28.91 9.49 15.78
CA LEU A 102 -29.19 8.15 16.25
C LEU A 102 -28.00 7.58 17.00
N ILE A 103 -26.80 7.74 16.44
CA ILE A 103 -25.59 7.31 17.13
C ILE A 103 -25.47 8.05 18.47
N TYR A 104 -25.62 9.36 18.43
CA TYR A 104 -25.50 10.18 19.64
C TYR A 104 -26.45 9.69 20.73
N ALA A 105 -27.67 9.35 20.36
CA ALA A 105 -28.67 8.96 21.36
C ALA A 105 -28.37 7.61 22.02
N ALA A 106 -27.40 6.85 21.54
CA ALA A 106 -27.10 5.54 22.13
C ALA A 106 -26.47 5.68 23.51
N ALA A 107 -25.76 6.76 23.76
CA ALA A 107 -25.08 6.93 25.04
C ALA A 107 -26.08 7.23 26.14
N ASP A 108 -25.72 6.87 27.37
CA ASP A 108 -26.49 7.30 28.52
C ASP A 108 -26.57 8.83 28.54
N LYS A 109 -27.71 9.32 29.02
CA LYS A 109 -27.96 10.76 29.08
C LYS A 109 -26.83 11.48 29.80
N GLU A 110 -26.36 10.97 30.94
CA GLU A 110 -25.35 11.67 31.72
C GLU A 110 -24.03 11.80 30.97
N ASN A 111 -23.87 11.07 29.87
CA ASN A 111 -22.64 11.06 29.09
C ASN A 111 -22.83 11.76 27.74
N ARG A 112 -23.91 12.54 27.57
CA ARG A 112 -24.18 13.20 26.30
C ARG A 112 -23.85 14.69 26.43
N TYR A 113 -22.74 15.08 25.80
CA TYR A 113 -22.24 16.44 25.82
C TYR A 113 -22.34 17.08 24.45
N SER A 114 -22.33 18.41 24.46
CA SER A 114 -22.38 19.17 23.22
C SER A 114 -21.57 20.46 23.37
N LEU A 115 -20.94 20.88 22.27
CA LEU A 115 -20.40 22.23 22.20
C LEU A 115 -21.54 23.23 22.02
N PRO A 116 -21.31 24.50 22.37
CA PRO A 116 -22.41 25.47 22.32
C PRO A 116 -22.98 25.69 20.94
N ASN A 117 -22.16 25.57 19.90
CA ASN A 117 -22.58 25.88 18.54
C ASN A 117 -23.14 24.68 17.77
N THR A 118 -23.20 23.51 18.39
CA THR A 118 -23.68 22.30 17.71
C THR A 118 -25.17 22.42 17.40
N ARG A 119 -25.57 21.93 16.23
CA ARG A 119 -26.97 21.88 15.82
C ARG A 119 -27.38 20.43 15.61
N PHE A 120 -28.59 20.09 16.05
CA PHE A 120 -29.10 18.72 16.02
C PHE A 120 -30.31 18.65 15.11
N LEU A 121 -30.37 17.61 14.28
CA LEU A 121 -31.49 17.40 13.39
C LEU A 121 -32.05 15.98 13.51
N LEU A 122 -33.30 15.88 13.95
CA LEU A 122 -34.09 14.65 13.89
C LEU A 122 -35.04 14.77 12.70
N HIS A 123 -35.09 13.74 11.85
CA HIS A 123 -36.04 13.78 10.75
C HIS A 123 -36.35 12.35 10.30
N GLN A 124 -37.60 12.11 9.94
CA GLN A 124 -38.06 10.82 9.46
C GLN A 124 -37.16 10.30 8.32
N PRO A 125 -36.75 9.01 8.37
CA PRO A 125 -35.96 8.44 7.26
C PRO A 125 -36.71 8.45 5.93
N GLY A 131 -39.46 -0.94 -7.86
CA GLY A 131 -40.31 -2.14 -8.26
C GLY A 131 -41.84 -2.09 -8.33
N PRO A 132 -42.62 -3.31 -8.42
CA PRO A 132 -44.07 -3.16 -8.68
C PRO A 132 -44.96 -2.56 -7.59
N ALA A 133 -46.27 -2.57 -7.79
CA ALA A 133 -47.12 -1.88 -6.82
C ALA A 133 -47.26 -2.69 -5.53
N SER A 134 -47.14 -4.01 -5.62
CA SER A 134 -47.18 -4.85 -4.43
C SER A 134 -45.89 -4.71 -3.61
N ASN A 135 -44.73 -4.76 -4.28
CA ASN A 135 -43.51 -4.71 -3.51
C ASN A 135 -43.24 -3.37 -2.86
N ILE A 136 -43.87 -2.30 -3.37
CA ILE A 136 -43.75 -1.00 -2.72
C ILE A 136 -44.59 -0.99 -1.45
N GLU A 137 -45.73 -1.70 -1.46
CA GLU A 137 -46.57 -1.80 -0.26
C GLU A 137 -45.83 -2.49 0.88
N ILE A 138 -45.12 -3.57 0.58
CA ILE A 138 -44.33 -4.24 1.61
C ILE A 138 -43.18 -3.35 2.05
N TYR A 139 -42.56 -2.65 1.09
CA TYR A 139 -41.50 -1.71 1.44
C TYR A 139 -42.04 -0.58 2.32
N ARG A 140 -43.26 -0.11 2.05
CA ARG A 140 -43.88 0.88 2.92
C ARG A 140 -43.93 0.40 4.36
N ARG A 141 -44.47 -0.80 4.56
CA ARG A 141 -44.62 -1.34 5.91
C ARG A 141 -43.26 -1.43 6.63
N GLU A 142 -42.17 -1.60 5.87
CA GLU A 142 -40.84 -1.62 6.42
C GLU A 142 -40.40 -0.23 6.86
N ILE A 143 -40.76 0.79 6.07
CA ILE A 143 -40.44 2.17 6.43
C ILE A 143 -41.21 2.59 7.66
N VAL A 144 -42.49 2.23 7.73
CA VAL A 144 -43.28 2.53 8.93
C VAL A 144 -42.64 1.86 10.15
N ARG A 145 -42.26 0.59 10.00
CA ARG A 145 -41.59 -0.09 11.10
C ARG A 145 -40.36 0.67 11.54
N MET A 146 -39.58 1.18 10.58
CA MET A 146 -38.35 1.89 10.89
C MET A 146 -38.64 3.22 11.58
N LYS A 147 -39.61 3.98 11.06
CA LYS A 147 -40.00 5.24 11.69
C LYS A 147 -40.46 5.05 13.12
N GLU A 148 -41.27 4.02 13.37
CA GLU A 148 -41.79 3.83 14.72
C GLU A 148 -40.70 3.39 15.69
N ARG A 149 -39.77 2.54 15.23
CA ARG A 149 -38.64 2.19 16.07
C ARG A 149 -37.82 3.43 16.40
N LEU A 150 -37.59 4.29 15.41
CA LEU A 150 -36.80 5.50 15.64
C LEU A 150 -37.55 6.46 16.58
N ASP A 151 -38.86 6.60 16.41
CA ASP A 151 -39.62 7.42 17.36
C ASP A 151 -39.40 6.92 18.79
N ARG A 152 -39.40 5.60 18.99
CA ARG A 152 -39.27 5.06 20.35
C ARG A 152 -37.85 5.20 20.88
N ILE A 153 -36.84 5.03 20.02
CA ILE A 153 -35.45 5.20 20.45
C ILE A 153 -35.23 6.62 20.98
N PHE A 154 -35.69 7.62 20.22
CA PHE A 154 -35.50 9.00 20.65
C PHE A 154 -36.43 9.36 21.81
N ALA A 155 -37.60 8.74 21.90
CA ALA A 155 -38.44 8.94 23.08
C ALA A 155 -37.72 8.47 24.35
N GLU A 156 -37.14 7.27 24.29
CA GLU A 156 -36.40 6.75 25.44
C GLU A 156 -35.17 7.58 25.72
N ALA A 157 -34.53 8.12 24.68
CA ALA A 157 -33.31 8.88 24.91
C ALA A 157 -33.59 10.25 25.49
N THR A 158 -34.74 10.84 25.16
CA THR A 158 -35.04 12.21 25.56
C THR A 158 -36.05 12.34 26.68
N GLY A 159 -36.90 11.34 26.90
CA GLY A 159 -38.05 11.46 27.81
C GLY A 159 -39.31 12.02 27.20
N GLN A 160 -39.30 12.36 25.91
CA GLN A 160 -40.50 12.75 25.20
C GLN A 160 -41.32 11.51 24.89
N THR A 161 -42.60 11.71 24.59
CA THR A 161 -43.41 10.58 24.16
C THR A 161 -43.05 10.24 22.71
N PRO A 162 -43.27 8.98 22.31
CA PRO A 162 -43.10 8.67 20.88
C PRO A 162 -43.99 9.54 19.98
N GLU A 163 -45.19 9.87 20.46
CA GLU A 163 -46.12 10.68 19.67
C GLU A 163 -45.58 12.09 19.48
N LYS A 164 -44.96 12.66 20.52
CA LYS A 164 -44.32 13.97 20.40
C LYS A 164 -43.14 13.90 19.44
N ILE A 165 -42.28 12.89 19.58
CA ILE A 165 -41.17 12.73 18.63
C ILE A 165 -41.72 12.67 17.22
N SER A 166 -42.76 11.85 17.02
CA SER A 166 -43.33 11.70 15.67
C SER A 166 -43.86 13.02 15.13
N ALA A 167 -44.56 13.79 15.96
CA ALA A 167 -45.13 15.06 15.49
C ALA A 167 -44.02 16.05 15.13
N ASP A 168 -42.96 16.09 15.93
CA ASP A 168 -41.89 17.05 15.67
C ASP A 168 -41.08 16.65 14.43
N THR A 169 -40.98 15.36 14.13
CA THR A 169 -40.02 14.87 13.14
C THR A 169 -40.60 14.67 11.76
N GLU A 170 -41.82 15.12 11.49
CA GLU A 170 -42.32 14.94 10.12
C GLU A 170 -41.80 16.01 9.18
N ARG A 171 -41.13 17.01 9.70
CA ARG A 171 -40.42 18.01 8.91
C ARG A 171 -38.96 18.00 9.37
N ASP A 172 -38.20 19.03 9.03
CA ASP A 172 -36.81 19.13 9.45
C ASP A 172 -36.83 19.91 10.75
N PHE A 173 -36.63 19.20 11.86
CA PHE A 173 -36.71 19.75 13.21
C PHE A 173 -35.28 20.00 13.68
N TRP A 174 -34.80 21.25 13.52
CA TRP A 174 -33.45 21.59 13.91
C TRP A 174 -33.45 22.18 15.32
N LEU A 175 -32.46 21.80 16.11
CA LEU A 175 -32.31 22.29 17.48
C LEU A 175 -30.90 22.85 17.68
N ASN A 176 -30.81 24.04 18.30
CA ASN A 176 -29.51 24.47 18.79
C ASN A 176 -29.20 23.74 20.10
N ALA A 177 -27.99 23.94 20.61
CA ALA A 177 -27.54 23.17 21.76
C ALA A 177 -28.46 23.38 22.97
N GLU A 178 -28.85 24.62 23.24
CA GLU A 178 -29.67 24.89 24.41
C GLU A 178 -31.07 24.29 24.25
N GLU A 179 -31.65 24.38 23.05
CA GLU A 179 -32.92 23.70 22.79
C GLU A 179 -32.76 22.18 22.92
N ALA A 180 -31.62 21.64 22.50
CA ALA A 180 -31.40 20.20 22.61
C ALA A 180 -31.30 19.76 24.06
N VAL A 181 -30.77 20.62 24.93
CA VAL A 181 -30.78 20.33 26.36
C VAL A 181 -32.22 20.31 26.89
N GLN A 182 -33.00 21.33 26.54
CA GLN A 182 -34.38 21.39 27.01
C GLN A 182 -35.20 20.21 26.49
N TYR A 183 -34.93 19.76 25.27
CA TYR A 183 -35.65 18.63 24.68
C TYR A 183 -35.30 17.30 25.33
N GLY A 184 -34.19 17.22 26.08
CA GLY A 184 -33.73 15.97 26.69
C GLY A 184 -32.66 15.23 25.90
N LEU A 185 -32.21 15.74 24.75
CA LEU A 185 -31.24 14.99 23.97
C LEU A 185 -29.82 15.19 24.48
N VAL A 186 -29.50 16.40 24.92
CA VAL A 186 -28.16 16.77 25.38
C VAL A 186 -28.22 17.02 26.88
N ASN A 187 -27.25 16.47 27.61
CA ASN A 187 -27.23 16.69 29.05
C ASN A 187 -26.49 17.95 29.46
N LYS A 188 -25.34 18.23 28.84
CA LYS A 188 -24.53 19.36 29.28
C LYS A 188 -23.78 19.96 28.10
N ILE A 189 -23.78 21.30 28.04
CA ILE A 189 -23.03 22.06 27.04
C ILE A 189 -21.66 22.39 27.62
N ILE A 190 -20.60 22.08 26.85
CA ILE A 190 -19.24 22.27 27.34
C ILE A 190 -18.35 22.79 26.21
N VAL A 191 -17.22 23.37 26.59
CA VAL A 191 -16.20 23.79 25.63
C VAL A 191 -14.86 23.10 25.87
N SER A 192 -14.66 22.47 27.02
CA SER A 192 -13.39 21.87 27.41
C SER A 192 -13.62 20.44 27.89
N GLU A 193 -12.65 19.57 27.58
CA GLU A 193 -12.72 18.19 28.05
C GLU A 193 -12.68 18.14 29.58
N ARG A 194 -12.14 19.17 30.21
CA ARG A 194 -12.12 19.20 31.68
C ARG A 194 -13.50 19.28 32.29
N GLU A 195 -14.51 19.65 31.52
CA GLU A 195 -15.89 19.73 32.00
C GLU A 195 -16.62 18.40 31.95
N ILE A 196 -15.99 17.34 31.46
CA ILE A 196 -16.61 16.02 31.45
C ILE A 196 -16.53 15.42 32.85
N THR A 197 -17.65 14.86 33.31
CA THR A 197 -17.67 14.11 34.55
C THR A 197 -17.98 12.66 34.20
N LEU A 198 -17.04 11.77 34.46
CA LEU A 198 -17.23 10.36 34.15
C LEU A 198 -18.27 9.75 35.10
N PRO A 199 -18.98 8.73 34.65
CA PRO A 199 -20.01 8.13 35.52
C PRO A 199 -19.37 7.63 36.81
N GLY A 200 -20.00 8.00 37.92
CA GLY A 200 -19.44 7.70 39.23
C GLY A 200 -18.27 8.57 39.62
N GLN A 201 -18.08 9.70 38.94
CA GLN A 201 -16.91 10.55 39.14
C GLN A 201 -15.63 9.74 39.17
N HIS B 14 6.40 3.47 -5.97
CA HIS B 14 7.61 4.15 -5.49
C HIS B 14 7.45 4.83 -4.15
N GLY B 15 6.22 4.88 -3.64
CA GLY B 15 6.02 5.43 -2.31
C GLY B 15 6.79 4.67 -1.25
N ALA B 16 6.80 3.34 -1.35
CA ALA B 16 7.47 2.52 -0.36
C ALA B 16 8.98 2.71 -0.40
N ILE B 17 9.57 2.77 -1.61
CA ILE B 17 11.01 2.98 -1.69
C ILE B 17 11.38 4.36 -1.15
N GLY B 18 10.67 5.41 -1.61
CA GLY B 18 10.97 6.76 -1.14
C GLY B 18 10.75 6.90 0.36
N ALA B 19 9.70 6.25 0.88
CA ALA B 19 9.47 6.29 2.31
C ALA B 19 10.63 5.62 3.07
N LYS B 20 11.15 4.49 2.54
CA LYS B 20 12.28 3.79 3.15
C LYS B 20 13.51 4.68 3.14
N LEU B 21 13.83 5.28 1.97
CA LEU B 21 15.04 6.10 1.88
C LEU B 21 14.91 7.34 2.74
N MET B 22 13.74 7.97 2.75
CA MET B 22 13.53 9.13 3.63
C MET B 22 13.83 8.77 5.08
N GLU B 23 13.31 7.63 5.54
CA GLU B 23 13.53 7.24 6.93
C GLU B 23 15.02 7.10 7.24
N TYR B 24 15.77 6.40 6.38
CA TYR B 24 17.20 6.25 6.60
C TYR B 24 17.91 7.60 6.54
N ALA B 25 17.52 8.45 5.60
CA ALA B 25 18.14 9.77 5.48
C ALA B 25 17.90 10.60 6.74
N LEU B 26 16.67 10.58 7.28
CA LEU B 26 16.41 11.32 8.51
C LEU B 26 17.32 10.87 9.64
N LYS B 27 17.57 9.56 9.76
CA LYS B 27 18.42 9.05 10.84
C LYS B 27 19.85 9.59 10.75
N VAL B 28 20.30 9.98 9.56
CA VAL B 28 21.63 10.55 9.38
C VAL B 28 21.58 12.05 9.15
N ARG B 29 20.44 12.69 9.41
CA ARG B 29 20.26 14.15 9.33
C ARG B 29 20.58 14.66 7.94
N LYS B 30 20.09 13.97 6.93
CA LYS B 30 20.25 14.36 5.55
C LYS B 30 18.87 14.53 4.95
N VAL B 31 18.69 15.64 4.23
CA VAL B 31 17.43 15.96 3.58
C VAL B 31 17.73 16.17 2.10
N PHE B 32 16.95 15.53 1.24
CA PHE B 32 17.15 15.62 -0.21
C PHE B 32 16.00 16.44 -0.80
N VAL B 33 16.38 17.47 -1.55
CA VAL B 33 15.48 18.34 -2.28
C VAL B 33 15.80 18.14 -3.76
N THR B 34 15.06 17.25 -4.41
CA THR B 34 15.34 16.80 -5.77
C THR B 34 14.10 17.01 -6.63
N GLY B 35 14.28 17.61 -7.80
CA GLY B 35 13.16 17.79 -8.70
C GLY B 35 12.35 19.04 -8.42
N GLY B 36 11.16 19.08 -8.99
CA GLY B 36 10.31 20.25 -8.86
C GLY B 36 9.92 20.52 -7.43
N VAL B 37 10.01 21.80 -7.04
CA VAL B 37 9.57 22.25 -5.71
C VAL B 37 8.07 22.51 -5.77
N ASP B 38 7.29 21.64 -5.14
CA ASP B 38 5.84 21.82 -5.09
C ASP B 38 5.37 21.76 -3.64
N GLU B 39 4.07 21.95 -3.43
CA GLU B 39 3.52 21.97 -2.08
C GLU B 39 3.79 20.66 -1.35
N LYS B 40 3.68 19.53 -2.04
CA LYS B 40 3.89 18.26 -1.37
C LYS B 40 5.32 18.14 -0.86
N MET B 41 6.30 18.49 -1.69
CA MET B 41 7.69 18.45 -1.26
C MET B 41 7.92 19.42 -0.11
N ALA B 42 7.35 20.62 -0.22
CA ALA B 42 7.51 21.61 0.84
C ALA B 42 6.98 21.10 2.17
N LYS B 43 5.79 20.51 2.17
CA LYS B 43 5.25 19.95 3.40
C LYS B 43 6.19 18.90 3.99
N ASP B 44 6.70 18.00 3.14
CA ASP B 44 7.59 16.95 3.64
C ASP B 44 8.88 17.53 4.18
N VAL B 45 9.49 18.44 3.43
CA VAL B 45 10.78 18.99 3.86
C VAL B 45 10.62 19.81 5.14
N VAL B 46 9.57 20.60 5.25
CA VAL B 46 9.34 21.38 6.47
C VAL B 46 9.21 20.45 7.67
N GLN B 47 8.45 19.36 7.53
CA GLN B 47 8.31 18.44 8.65
C GLN B 47 9.65 17.81 9.00
N GLN B 48 10.37 17.34 7.98
CA GLN B 48 11.67 16.73 8.23
C GLN B 48 12.58 17.66 9.01
N LEU B 49 12.66 18.93 8.60
CA LEU B 49 13.53 19.88 9.28
C LEU B 49 13.11 20.05 10.74
N HIS B 50 11.79 20.17 10.98
CA HIS B 50 11.31 20.33 12.36
C HIS B 50 11.53 19.08 13.17
N ILE B 51 11.35 17.91 12.55
CA ILE B 51 11.65 16.66 13.26
C ILE B 51 13.12 16.62 13.65
N LEU B 52 14.01 16.89 12.68
CA LEU B 52 15.43 16.85 13.00
C LEU B 52 15.79 17.87 14.08
N ALA B 53 15.20 19.06 14.03
CA ALA B 53 15.48 20.08 15.03
C ALA B 53 15.00 19.67 16.42
N SER B 54 13.89 18.91 16.51
CA SER B 54 13.45 18.46 17.81
C SER B 54 14.39 17.42 18.39
N ILE B 55 15.04 16.65 17.54
CA ILE B 55 15.91 15.58 18.02
C ILE B 55 17.22 16.15 18.57
N SER B 56 17.81 17.12 17.88
CA SER B 56 19.08 17.67 18.36
C SER B 56 19.42 18.93 17.61
N ASP B 57 20.40 19.65 18.14
CA ASP B 57 20.89 20.86 17.50
C ASP B 57 21.99 20.60 16.47
N ASP B 58 22.33 19.34 16.20
CA ASP B 58 23.43 19.03 15.29
C ASP B 58 23.11 19.49 13.87
N PRO B 59 24.13 19.72 13.05
CA PRO B 59 23.89 20.22 11.69
C PRO B 59 23.03 19.25 10.87
N ILE B 60 22.37 19.83 9.87
CA ILE B 60 21.53 19.11 8.93
C ILE B 60 22.13 19.34 7.54
N TYR B 61 22.30 18.26 6.78
CA TYR B 61 22.81 18.35 5.42
C TYR B 61 21.64 18.34 4.46
N MET B 62 21.56 19.36 3.60
CA MET B 62 20.52 19.47 2.59
C MET B 62 21.17 19.46 1.20
N PHE B 63 20.70 18.54 0.36
CA PHE B 63 21.16 18.37 -1.01
C PHE B 63 20.08 18.88 -1.94
N VAL B 64 20.41 19.90 -2.73
CA VAL B 64 19.46 20.56 -3.61
C VAL B 64 19.89 20.35 -5.06
N ASN B 65 18.98 19.76 -5.85
CA ASN B 65 19.14 19.62 -7.29
C ASN B 65 17.73 19.74 -7.89
N SER B 66 17.35 20.97 -8.25
CA SER B 66 15.99 21.26 -8.64
C SER B 66 15.92 22.15 -9.87
N PRO B 67 15.07 21.82 -10.85
CA PRO B 67 14.91 22.71 -12.01
C PRO B 67 13.97 23.88 -11.77
N GLY B 68 13.32 23.98 -10.61
CA GLY B 68 12.44 25.08 -10.29
C GLY B 68 11.22 24.62 -9.52
N GLY B 69 10.17 25.44 -9.53
CA GLY B 69 8.91 25.10 -8.92
C GLY B 69 8.19 26.34 -8.38
N HIS B 70 7.25 26.09 -7.49
CA HIS B 70 6.42 27.16 -6.93
C HIS B 70 7.17 27.95 -5.86
N VAL B 71 7.15 29.28 -6.00
CA VAL B 71 7.94 30.13 -5.11
C VAL B 71 7.42 30.06 -3.67
N GLU B 72 6.09 30.01 -3.48
CA GLU B 72 5.59 29.92 -2.11
C GLU B 72 5.98 28.62 -1.44
N SER B 73 6.15 27.54 -2.22
CA SER B 73 6.59 26.28 -1.63
C SER B 73 8.07 26.37 -1.24
N GLY B 74 8.88 27.00 -2.09
CA GLY B 74 10.23 27.30 -1.68
C GLY B 74 10.27 28.21 -0.46
N ASP B 75 9.35 29.15 -0.38
CA ASP B 75 9.36 30.10 0.72
C ASP B 75 9.15 29.40 2.05
N MET B 76 8.28 28.38 2.08
CA MET B 76 8.04 27.65 3.32
C MET B 76 9.29 26.95 3.81
N ILE B 77 10.04 26.35 2.89
CA ILE B 77 11.28 25.68 3.27
C ILE B 77 12.31 26.70 3.76
N PHE B 78 12.46 27.82 3.03
CA PHE B 78 13.31 28.94 3.45
C PHE B 78 12.99 29.35 4.88
N ASP B 79 11.71 29.56 5.18
CA ASP B 79 11.35 30.03 6.52
C ASP B 79 11.74 29.01 7.58
N ALA B 80 11.52 27.73 7.29
CA ALA B 80 11.82 26.69 8.26
C ALA B 80 13.32 26.60 8.51
N ILE B 81 14.12 26.65 7.44
CA ILE B 81 15.57 26.65 7.60
C ILE B 81 16.01 27.77 8.52
N ARG B 82 15.47 28.98 8.32
CA ARG B 82 15.88 30.12 9.14
C ARG B 82 15.37 29.98 10.57
N PHE B 83 14.22 29.34 10.76
CA PHE B 83 13.56 29.28 12.05
C PHE B 83 14.21 28.29 13.01
N ILE B 84 14.58 27.10 12.52
CA ILE B 84 15.08 26.05 13.41
C ILE B 84 16.48 26.39 13.92
N THR B 85 16.87 25.74 15.01
CA THR B 85 18.16 26.01 15.62
C THR B 85 19.32 25.33 14.89
N PRO B 86 19.20 24.09 14.41
CA PRO B 86 20.35 23.49 13.69
C PRO B 86 20.77 24.30 12.47
N LYS B 87 22.08 24.37 12.23
CA LYS B 87 22.58 24.95 10.99
C LYS B 87 22.34 23.97 9.85
N VAL B 88 21.86 24.49 8.72
CA VAL B 88 21.66 23.69 7.52
C VAL B 88 22.88 23.87 6.63
N ILE B 89 23.54 22.75 6.32
CA ILE B 89 24.68 22.73 5.40
C ILE B 89 24.13 22.45 4.01
N MET B 90 24.33 23.40 3.09
CA MET B 90 23.68 23.40 1.80
C MET B 90 24.65 22.95 0.71
N ILE B 91 24.30 21.86 0.03
CA ILE B 91 25.11 21.33 -1.07
C ILE B 91 24.28 21.33 -2.34
N GLY B 92 24.66 22.18 -3.29
CA GLY B 92 23.97 22.29 -4.55
C GLY B 92 24.66 21.47 -5.66
N SER B 93 23.84 20.85 -6.50
CA SER B 93 24.39 20.07 -7.60
C SER B 93 23.42 20.06 -8.77
N GLY B 94 23.96 19.79 -9.95
CA GLY B 94 23.14 19.75 -11.14
C GLY B 94 22.55 21.11 -11.43
N SER B 95 21.24 21.26 -11.20
CA SER B 95 20.57 22.55 -11.37
C SER B 95 20.01 23.00 -10.03
N VAL B 96 20.23 24.27 -9.71
CA VAL B 96 19.67 24.92 -8.53
C VAL B 96 18.92 26.13 -9.06
N ALA B 97 17.64 25.96 -9.35
CA ALA B 97 16.90 26.95 -10.12
C ALA B 97 15.64 27.38 -9.40
N SER B 98 15.34 28.67 -9.50
CA SER B 98 14.05 29.22 -9.06
C SER B 98 13.75 28.86 -7.61
N ALA B 99 12.70 28.08 -7.36
CA ALA B 99 12.38 27.76 -5.97
C ALA B 99 13.56 27.09 -5.29
N GLY B 100 14.31 26.27 -6.02
CA GLY B 100 15.48 25.61 -5.44
C GLY B 100 16.57 26.60 -5.04
N ALA B 101 16.69 27.69 -5.81
CA ALA B 101 17.68 28.73 -5.47
C ALA B 101 17.26 29.51 -4.23
N LEU B 102 15.96 29.73 -4.08
CA LEU B 102 15.47 30.38 -2.86
C LEU B 102 15.80 29.54 -1.64
N ILE B 103 15.52 28.23 -1.73
CA ILE B 103 15.88 27.31 -0.66
C ILE B 103 17.36 27.38 -0.37
N TYR B 104 18.18 27.26 -1.42
CA TYR B 104 19.62 27.31 -1.28
C TYR B 104 20.05 28.55 -0.51
N ALA B 105 19.45 29.71 -0.84
CA ALA B 105 19.86 30.97 -0.23
C ALA B 105 19.49 31.08 1.24
N ALA B 106 18.67 30.18 1.79
CA ALA B 106 18.30 30.29 3.20
C ALA B 106 19.48 29.99 4.11
N ALA B 107 20.42 29.17 3.65
CA ALA B 107 21.58 28.83 4.48
C ALA B 107 22.51 30.02 4.64
N ASP B 108 23.23 30.03 5.76
CA ASP B 108 24.29 31.01 5.95
C ASP B 108 25.33 30.86 4.84
N LYS B 109 25.92 31.98 4.45
CA LYS B 109 26.91 31.98 3.37
C LYS B 109 28.00 30.94 3.65
N GLU B 110 28.51 30.92 4.87
CA GLU B 110 29.60 29.99 5.16
C GLU B 110 29.20 28.53 4.94
N ASN B 111 27.91 28.23 4.83
CA ASN B 111 27.45 26.86 4.69
C ASN B 111 26.91 26.54 3.30
N ARG B 112 27.20 27.39 2.31
CA ARG B 112 26.71 27.19 0.95
C ARG B 112 27.83 26.66 0.06
N TYR B 113 27.72 25.38 -0.27
CA TYR B 113 28.67 24.67 -1.11
C TYR B 113 28.02 24.31 -2.43
N SER B 114 28.86 24.06 -3.42
CA SER B 114 28.39 23.69 -4.75
C SER B 114 29.38 22.75 -5.40
N LEU B 115 28.87 21.86 -6.22
CA LEU B 115 29.72 21.09 -7.13
C LEU B 115 30.14 21.92 -8.33
N PRO B 116 31.23 21.54 -9.01
CA PRO B 116 31.75 22.40 -10.09
C PRO B 116 30.77 22.60 -11.25
N ASN B 117 29.96 21.61 -11.56
CA ASN B 117 29.13 21.65 -12.76
C ASN B 117 27.77 22.29 -12.52
N THR B 118 27.47 22.72 -11.29
CA THR B 118 26.15 23.20 -10.97
C THR B 118 25.86 24.52 -11.67
N ARG B 119 24.63 24.66 -12.17
CA ARG B 119 24.17 25.91 -12.74
C ARG B 119 23.01 26.43 -11.90
N PHE B 120 23.01 27.75 -11.66
CA PHE B 120 22.04 28.43 -10.82
C PHE B 120 21.20 29.39 -11.66
N LEU B 121 19.90 29.40 -11.41
CA LEU B 121 18.96 30.28 -12.08
C LEU B 121 18.14 31.03 -11.04
N LEU B 122 18.26 32.36 -11.05
CA LEU B 122 17.43 33.23 -10.22
C LEU B 122 16.25 33.70 -11.06
N HIS B 123 15.10 33.05 -10.88
CA HIS B 123 13.87 33.35 -11.61
C HIS B 123 12.90 34.13 -10.73
N GLN B 124 12.26 35.16 -11.33
CA GLN B 124 11.27 35.98 -10.63
C GLN B 124 9.87 35.38 -10.78
N PRO B 125 9.06 35.39 -9.72
CA PRO B 125 7.69 34.85 -9.78
C PRO B 125 6.98 35.08 -11.11
N SER B 134 -8.83 39.11 -6.75
CA SER B 134 -10.04 39.87 -7.04
C SER B 134 -9.78 40.90 -8.14
N ASN B 135 -9.13 42.00 -7.77
CA ASN B 135 -8.81 43.05 -8.72
C ASN B 135 -7.52 42.68 -9.44
N ILE B 136 -7.37 43.18 -10.66
CA ILE B 136 -6.08 42.99 -11.32
C ILE B 136 -5.02 43.87 -10.62
N GLU B 137 -5.44 45.02 -10.10
CA GLU B 137 -4.54 45.94 -9.44
C GLU B 137 -3.92 45.31 -8.20
N ILE B 138 -4.76 44.67 -7.38
CA ILE B 138 -4.27 44.07 -6.13
C ILE B 138 -3.41 42.84 -6.39
N TYR B 139 -3.78 42.03 -7.37
CA TYR B 139 -2.94 40.89 -7.73
C TYR B 139 -1.57 41.39 -8.17
N ARG B 140 -1.54 42.50 -8.90
CA ARG B 140 -0.26 43.12 -9.23
C ARG B 140 0.54 43.47 -7.98
N ARG B 141 -0.08 44.21 -7.06
CA ARG B 141 0.65 44.68 -5.89
C ARG B 141 1.18 43.51 -5.07
N GLU B 142 0.48 42.37 -5.07
CA GLU B 142 1.00 41.22 -4.35
C GLU B 142 2.20 40.62 -5.08
N ILE B 143 2.15 40.57 -6.42
CA ILE B 143 3.30 40.09 -7.19
C ILE B 143 4.48 41.02 -7.00
N VAL B 144 4.24 42.33 -7.07
CA VAL B 144 5.32 43.28 -6.79
C VAL B 144 5.82 43.08 -5.37
N ARG B 145 4.91 42.90 -4.41
CA ARG B 145 5.34 42.64 -3.04
C ARG B 145 6.23 41.41 -2.98
N MET B 146 5.83 40.33 -3.68
CA MET B 146 6.60 39.10 -3.65
C MET B 146 7.93 39.28 -4.36
N LYS B 147 7.92 39.93 -5.52
CA LYS B 147 9.16 40.16 -6.26
C LYS B 147 10.15 40.96 -5.42
N GLU B 148 9.67 42.00 -4.74
CA GLU B 148 10.56 42.85 -3.95
C GLU B 148 11.12 42.10 -2.76
N ARG B 149 10.31 41.23 -2.15
CA ARG B 149 10.82 40.43 -1.04
C ARG B 149 11.92 39.49 -1.55
N LEU B 150 11.74 38.90 -2.72
CA LEU B 150 12.76 38.00 -3.26
C LEU B 150 14.04 38.75 -3.60
N ASP B 151 13.89 39.95 -4.17
CA ASP B 151 15.06 40.78 -4.45
C ASP B 151 15.88 41.01 -3.19
N ARG B 152 15.21 41.32 -2.08
CA ARG B 152 15.94 41.60 -0.85
C ARG B 152 16.54 40.33 -0.26
N ILE B 153 15.84 39.21 -0.36
CA ILE B 153 16.39 37.95 0.14
C ILE B 153 17.70 37.63 -0.58
N PHE B 154 17.69 37.67 -1.91
CA PHE B 154 18.89 37.33 -2.65
C PHE B 154 19.96 38.40 -2.51
N ALA B 155 19.56 39.66 -2.33
CA ALA B 155 20.53 40.72 -2.06
C ALA B 155 21.28 40.44 -0.77
N GLU B 156 20.56 40.11 0.29
CA GLU B 156 21.22 39.79 1.55
C GLU B 156 22.05 38.51 1.46
N ALA B 157 21.62 37.53 0.66
CA ALA B 157 22.35 36.28 0.61
C ALA B 157 23.63 36.40 -0.20
N THR B 158 23.65 37.26 -1.22
CA THR B 158 24.78 37.37 -2.14
C THR B 158 25.68 38.57 -1.87
N GLY B 159 25.19 39.60 -1.20
CA GLY B 159 25.94 40.84 -1.06
C GLY B 159 25.73 41.82 -2.21
N GLN B 160 24.94 41.45 -3.21
CA GLN B 160 24.57 42.38 -4.26
C GLN B 160 23.48 43.30 -3.75
N THR B 161 23.27 44.41 -4.48
CA THR B 161 22.19 45.32 -4.13
C THR B 161 20.85 44.76 -4.57
N PRO B 162 19.75 45.16 -3.92
CA PRO B 162 18.43 44.75 -4.44
C PRO B 162 18.19 45.18 -5.87
N GLU B 163 18.68 46.35 -6.27
CA GLU B 163 18.48 46.81 -7.64
C GLU B 163 19.22 45.91 -8.63
N LYS B 164 20.43 45.50 -8.29
CA LYS B 164 21.17 44.59 -9.16
C LYS B 164 20.44 43.27 -9.30
N ILE B 165 20.00 42.71 -8.17
CA ILE B 165 19.22 41.47 -8.21
C ILE B 165 17.98 41.66 -9.08
N SER B 166 17.23 42.73 -8.82
CA SER B 166 15.99 42.94 -9.55
C SER B 166 16.25 43.03 -11.04
N ALA B 167 17.29 43.76 -11.44
CA ALA B 167 17.61 43.91 -12.86
C ALA B 167 18.09 42.59 -13.46
N ASP B 168 18.86 41.80 -12.72
CA ASP B 168 19.40 40.57 -13.29
C ASP B 168 18.32 39.53 -13.44
N THR B 169 17.36 39.51 -12.53
CA THR B 169 16.35 38.46 -12.56
C THR B 169 15.17 38.79 -13.48
N GLU B 170 15.10 40.01 -14.03
CA GLU B 170 14.07 40.34 -15.02
C GLU B 170 14.08 39.31 -16.13
N ARG B 171 15.27 38.96 -16.63
CA ARG B 171 15.38 37.90 -17.63
C ARG B 171 15.67 36.58 -16.89
N ASP B 172 16.09 35.54 -17.63
CA ASP B 172 16.48 34.25 -17.08
C ASP B 172 18.00 34.33 -16.92
N PHE B 173 18.45 34.55 -15.69
CA PHE B 173 19.84 34.83 -15.36
C PHE B 173 20.49 33.54 -14.86
N TRP B 174 21.24 32.88 -15.74
CA TRP B 174 21.93 31.66 -15.41
C TRP B 174 23.37 31.95 -15.00
N LEU B 175 23.83 31.23 -13.98
CA LEU B 175 25.20 31.31 -13.50
C LEU B 175 25.80 29.90 -13.44
N ASN B 176 27.02 29.75 -13.93
CA ASN B 176 27.78 28.54 -13.65
C ASN B 176 28.30 28.64 -12.22
N ALA B 177 28.87 27.54 -11.71
CA ALA B 177 29.24 27.49 -10.30
C ALA B 177 30.25 28.57 -9.96
N GLU B 178 31.25 28.78 -10.82
CA GLU B 178 32.27 29.80 -10.57
C GLU B 178 31.68 31.20 -10.67
N GLU B 179 30.82 31.44 -11.65
CA GLU B 179 30.10 32.72 -11.68
C GLU B 179 29.24 32.87 -10.42
N ALA B 180 28.67 31.78 -9.91
CA ALA B 180 27.85 31.89 -8.70
C ALA B 180 28.68 32.27 -7.49
N VAL B 181 29.94 31.83 -7.44
CA VAL B 181 30.83 32.23 -6.35
C VAL B 181 31.10 33.72 -6.42
N GLN B 182 31.47 34.23 -7.61
CA GLN B 182 31.73 35.65 -7.78
C GLN B 182 30.48 36.47 -7.50
N TYR B 183 29.32 35.94 -7.88
CA TYR B 183 28.07 36.65 -7.64
C TYR B 183 27.72 36.72 -6.17
N GLY B 184 28.31 35.86 -5.33
CA GLY B 184 28.03 35.81 -3.91
C GLY B 184 27.02 34.78 -3.47
N LEU B 185 26.46 33.98 -4.38
CA LEU B 185 25.46 33.01 -4.00
C LEU B 185 26.10 31.76 -3.39
N VAL B 186 27.23 31.33 -3.93
CA VAL B 186 27.91 30.11 -3.52
C VAL B 186 29.18 30.50 -2.80
N ASN B 187 29.45 29.87 -1.66
CA ASN B 187 30.66 30.19 -0.93
C ASN B 187 31.86 29.38 -1.38
N LYS B 188 31.68 28.09 -1.63
CA LYS B 188 32.81 27.21 -1.91
C LYS B 188 32.38 26.13 -2.89
N ILE B 189 33.20 25.90 -3.92
CA ILE B 189 32.98 24.81 -4.85
C ILE B 189 33.78 23.62 -4.36
N ILE B 190 33.14 22.46 -4.27
CA ILE B 190 33.76 21.26 -3.73
C ILE B 190 33.39 20.05 -4.58
N VAL B 191 34.21 19.01 -4.49
CA VAL B 191 33.89 17.72 -5.08
C VAL B 191 33.77 16.61 -4.05
N SER B 192 34.28 16.77 -2.85
CA SER B 192 34.28 15.74 -1.83
C SER B 192 33.62 16.29 -0.58
N GLU B 193 32.86 15.42 0.12
CA GLU B 193 32.26 15.81 1.39
C GLU B 193 33.32 16.15 2.42
N ARG B 194 34.54 15.63 2.25
CA ARG B 194 35.64 15.95 3.17
C ARG B 194 36.03 17.42 3.11
N GLU B 195 35.64 18.13 2.05
CA GLU B 195 35.94 19.54 1.94
C GLU B 195 34.94 20.41 2.68
N ILE B 196 33.93 19.81 3.29
CA ILE B 196 32.99 20.55 4.13
C ILE B 196 33.61 20.73 5.51
N THR B 197 33.49 21.94 6.03
CA THR B 197 33.88 22.28 7.39
C THR B 197 32.60 22.62 8.14
N LEU B 198 32.33 21.93 9.24
CA LEU B 198 31.15 22.31 10.00
C LEU B 198 31.40 23.66 10.68
N PRO B 199 30.38 24.52 10.78
CA PRO B 199 30.62 25.84 11.42
C PRO B 199 30.92 25.74 12.91
N HIS C 14 -8.30 2.66 1.99
CA HIS C 14 -9.00 2.14 3.16
C HIS C 14 -8.57 0.71 3.46
N GLY C 15 -7.77 0.14 2.55
CA GLY C 15 -7.26 -1.20 2.80
C GLY C 15 -6.44 -1.28 4.08
N ALA C 16 -5.62 -0.25 4.33
CA ALA C 16 -4.76 -0.26 5.51
C ALA C 16 -5.57 -0.22 6.80
N ILE C 17 -6.65 0.54 6.83
CA ILE C 17 -7.49 0.56 8.02
C ILE C 17 -8.13 -0.81 8.23
N GLY C 18 -8.72 -1.36 7.16
CA GLY C 18 -9.35 -2.67 7.28
C GLY C 18 -8.38 -3.75 7.69
N ALA C 19 -7.15 -3.71 7.17
CA ALA C 19 -6.18 -4.72 7.57
C ALA C 19 -5.81 -4.57 9.05
N LYS C 20 -5.64 -3.33 9.52
CA LYS C 20 -5.29 -3.13 10.92
C LYS C 20 -6.45 -3.57 11.84
N LEU C 21 -7.68 -3.20 11.48
CA LEU C 21 -8.84 -3.62 12.28
C LEU C 21 -9.01 -5.14 12.24
N MET C 22 -8.76 -5.75 11.07
CA MET C 22 -8.73 -7.21 10.98
C MET C 22 -7.75 -7.81 11.98
N GLU C 23 -6.51 -7.31 11.99
CA GLU C 23 -5.50 -7.87 12.88
C GLU C 23 -5.96 -7.82 14.34
N TYR C 24 -6.47 -6.68 14.78
CA TYR C 24 -6.92 -6.54 16.16
C TYR C 24 -8.12 -7.43 16.45
N ALA C 25 -9.08 -7.49 15.52
CA ALA C 25 -10.26 -8.33 15.74
C ALA C 25 -9.85 -9.79 15.86
N LEU C 26 -8.92 -10.25 15.01
CA LEU C 26 -8.43 -11.62 15.12
C LEU C 26 -7.80 -11.86 16.49
N LYS C 27 -7.03 -10.89 17.00
CA LYS C 27 -6.37 -11.07 18.28
C LYS C 27 -7.37 -11.21 19.42
N VAL C 28 -8.58 -10.66 19.27
CA VAL C 28 -9.61 -10.80 20.28
C VAL C 28 -10.67 -11.82 19.89
N ARG C 29 -10.41 -12.58 18.81
CA ARG C 29 -11.24 -13.70 18.37
C ARG C 29 -12.67 -13.24 18.06
N LYS C 30 -12.77 -12.14 17.34
CA LYS C 30 -14.07 -11.63 16.91
C LYS C 30 -14.09 -11.56 15.39
N VAL C 31 -15.18 -12.05 14.81
CA VAL C 31 -15.38 -12.08 13.36
C VAL C 31 -16.69 -11.39 13.03
N PHE C 32 -16.66 -10.54 12.02
CA PHE C 32 -17.81 -9.74 11.63
C PHE C 32 -18.32 -10.12 10.24
N VAL C 33 -19.61 -10.40 10.16
CA VAL C 33 -20.30 -10.69 8.91
C VAL C 33 -21.34 -9.58 8.71
N THR C 34 -20.94 -8.57 7.97
CA THR C 34 -21.73 -7.34 7.84
C THR C 34 -22.05 -7.07 6.38
N GLY C 35 -23.34 -6.87 6.08
CA GLY C 35 -23.75 -6.56 4.74
C GLY C 35 -23.89 -7.80 3.88
N GLY C 36 -23.93 -7.55 2.57
CA GLY C 36 -24.13 -8.62 1.61
C GLY C 36 -23.04 -9.67 1.66
N VAL C 37 -23.44 -10.94 1.69
CA VAL C 37 -22.51 -12.05 1.73
C VAL C 37 -22.05 -12.34 0.30
N ASP C 38 -20.81 -12.01 -0.01
CA ASP C 38 -20.27 -12.23 -1.34
C ASP C 38 -19.02 -13.11 -1.24
N GLU C 39 -18.45 -13.44 -2.40
CA GLU C 39 -17.29 -14.32 -2.40
C GLU C 39 -16.13 -13.69 -1.64
N LYS C 40 -15.98 -12.36 -1.76
CA LYS C 40 -14.90 -11.66 -1.06
C LYS C 40 -15.05 -11.80 0.45
N MET C 41 -16.29 -11.65 0.97
CA MET C 41 -16.52 -11.82 2.39
C MET C 41 -16.22 -13.25 2.81
N ALA C 42 -16.69 -14.23 2.00
CA ALA C 42 -16.51 -15.64 2.36
C ALA C 42 -15.04 -16.04 2.41
N LYS C 43 -14.25 -15.59 1.44
CA LYS C 43 -12.82 -15.93 1.47
C LYS C 43 -12.17 -15.44 2.76
N ASP C 44 -12.43 -14.18 3.12
CA ASP C 44 -11.81 -13.63 4.33
C ASP C 44 -12.30 -14.34 5.58
N VAL C 45 -13.62 -14.55 5.70
CA VAL C 45 -14.16 -15.12 6.93
C VAL C 45 -13.69 -16.54 7.14
N VAL C 46 -13.70 -17.34 6.08
CA VAL C 46 -13.25 -18.73 6.17
C VAL C 46 -11.80 -18.78 6.65
N GLN C 47 -10.94 -17.95 6.07
CA GLN C 47 -9.54 -17.93 6.51
C GLN C 47 -9.41 -17.50 7.95
N GLN C 48 -10.14 -16.44 8.34
CA GLN C 48 -10.11 -16.01 9.73
C GLN C 48 -10.46 -17.16 10.67
N LEU C 49 -11.55 -17.88 10.35
CA LEU C 49 -11.98 -18.97 11.21
C LEU C 49 -10.90 -20.04 11.33
N HIS C 50 -10.28 -20.40 10.20
CA HIS C 50 -9.26 -21.43 10.25
C HIS C 50 -8.03 -20.96 10.98
N ILE C 51 -7.66 -19.69 10.80
CA ILE C 51 -6.53 -19.13 11.54
C ILE C 51 -6.82 -19.20 13.04
N LEU C 52 -8.00 -18.72 13.45
CA LEU C 52 -8.34 -18.72 14.87
C LEU C 52 -8.34 -20.13 15.45
N ALA C 53 -8.87 -21.10 14.70
CA ALA C 53 -8.89 -22.48 15.18
C ALA C 53 -7.48 -23.04 15.34
N SER C 54 -6.55 -22.67 14.46
CA SER C 54 -5.20 -23.21 14.66
C SER C 54 -4.54 -22.63 15.91
N ILE C 55 -4.90 -21.41 16.27
CA ILE C 55 -4.26 -20.75 17.41
C ILE C 55 -4.73 -21.36 18.72
N SER C 56 -6.03 -21.62 18.86
CA SER C 56 -6.51 -22.22 20.09
C SER C 56 -7.93 -22.73 19.89
N ASP C 57 -8.39 -23.55 20.84
CA ASP C 57 -9.74 -24.07 20.85
C ASP C 57 -10.72 -23.16 21.57
N ASP C 58 -10.29 -21.97 22.00
CA ASP C 58 -11.16 -21.04 22.70
C ASP C 58 -12.27 -20.56 21.79
N PRO C 59 -13.40 -20.13 22.36
CA PRO C 59 -14.53 -19.70 21.53
C PRO C 59 -14.20 -18.52 20.62
N ILE C 60 -14.99 -18.43 19.56
CA ILE C 60 -14.92 -17.36 18.59
C ILE C 60 -16.27 -16.65 18.58
N TYR C 61 -16.24 -15.32 18.61
CA TYR C 61 -17.47 -14.55 18.54
C TYR C 61 -17.72 -14.09 17.12
N MET C 62 -18.91 -14.37 16.61
CA MET C 62 -19.29 -13.94 15.27
C MET C 62 -20.52 -13.05 15.34
N PHE C 63 -20.40 -11.87 14.74
CA PHE C 63 -21.47 -10.88 14.72
C PHE C 63 -22.05 -10.80 13.31
N VAL C 64 -23.33 -11.09 13.19
CA VAL C 64 -24.00 -11.20 11.90
C VAL C 64 -25.07 -10.11 11.81
N ASN C 65 -24.98 -9.29 10.76
CA ASN C 65 -26.00 -8.29 10.39
C ASN C 65 -25.96 -8.21 8.86
N SER C 66 -26.79 -9.03 8.22
CA SER C 66 -26.72 -9.16 6.75
C SER C 66 -28.08 -9.35 6.10
N PRO C 67 -28.38 -8.60 5.03
CA PRO C 67 -29.66 -8.76 4.34
C PRO C 67 -29.70 -9.91 3.35
N GLY C 68 -28.60 -10.61 3.15
CA GLY C 68 -28.56 -11.72 2.22
C GLY C 68 -27.24 -11.75 1.47
N GLY C 69 -27.27 -12.40 0.32
CA GLY C 69 -26.11 -12.49 -0.54
C GLY C 69 -26.11 -13.82 -1.28
N HIS C 70 -24.94 -14.19 -1.75
CA HIS C 70 -24.77 -15.41 -2.53
C HIS C 70 -24.87 -16.60 -1.60
N VAL C 71 -25.78 -17.52 -1.93
CA VAL C 71 -26.01 -18.65 -1.03
C VAL C 71 -24.75 -19.49 -0.96
N GLU C 72 -24.01 -19.56 -2.08
CA GLU C 72 -22.76 -20.33 -2.10
C GLU C 72 -21.72 -19.72 -1.17
N SER C 73 -21.74 -18.40 -0.96
CA SER C 73 -20.79 -17.80 -0.03
C SER C 73 -21.19 -18.02 1.42
N GLY C 74 -22.49 -17.91 1.70
CA GLY C 74 -22.97 -18.29 3.02
C GLY C 74 -22.69 -19.75 3.33
N ASP C 75 -22.84 -20.61 2.32
CA ASP C 75 -22.61 -22.03 2.46
C ASP C 75 -21.15 -22.31 2.84
N MET C 76 -20.21 -21.58 2.22
CA MET C 76 -18.80 -21.75 2.58
C MET C 76 -18.53 -21.40 4.04
N ILE C 77 -19.10 -20.30 4.53
CA ILE C 77 -18.89 -19.91 5.93
C ILE C 77 -19.55 -20.92 6.85
N PHE C 78 -20.76 -21.35 6.51
CA PHE C 78 -21.44 -22.42 7.25
C PHE C 78 -20.54 -23.64 7.40
N ASP C 79 -19.98 -24.12 6.28
CA ASP C 79 -19.15 -25.31 6.33
C ASP C 79 -17.93 -25.10 7.22
N ALA C 80 -17.31 -23.91 7.15
CA ALA C 80 -16.13 -23.64 7.98
C ALA C 80 -16.48 -23.61 9.47
N ILE C 81 -17.60 -22.97 9.83
CA ILE C 81 -18.04 -22.98 11.21
C ILE C 81 -18.18 -24.42 11.71
N ARG C 82 -18.80 -25.28 10.90
CA ARG C 82 -18.98 -26.67 11.31
C ARG C 82 -17.67 -27.44 11.34
N PHE C 83 -16.72 -27.09 10.48
CA PHE C 83 -15.50 -27.89 10.33
C PHE C 83 -14.53 -27.67 11.49
N ILE C 84 -14.36 -26.43 11.94
CA ILE C 84 -13.34 -26.13 12.95
C ILE C 84 -13.80 -26.62 14.31
N THR C 85 -12.85 -26.74 15.23
CA THR C 85 -13.12 -27.25 16.56
C THR C 85 -13.70 -26.21 17.52
N PRO C 86 -13.22 -24.97 17.52
CA PRO C 86 -13.78 -23.97 18.46
C PRO C 86 -15.26 -23.73 18.23
N LYS C 87 -16.00 -23.52 19.32
CA LYS C 87 -17.40 -23.12 19.22
C LYS C 87 -17.51 -21.67 18.81
N VAL C 88 -18.41 -21.40 17.86
CA VAL C 88 -18.71 -20.05 17.43
C VAL C 88 -19.91 -19.54 18.23
N ILE C 89 -19.70 -18.41 18.91
CA ILE C 89 -20.75 -17.71 19.65
C ILE C 89 -21.36 -16.72 18.65
N MET C 90 -22.64 -16.91 18.36
CA MET C 90 -23.34 -16.24 17.27
C MET C 90 -24.24 -15.14 17.84
N ILE C 91 -23.99 -13.90 17.45
CA ILE C 91 -24.79 -12.77 17.90
C ILE C 91 -25.44 -12.11 16.69
N GLY C 92 -26.76 -12.19 16.59
CA GLY C 92 -27.48 -11.61 15.47
C GLY C 92 -28.04 -10.23 15.83
N SER C 93 -27.87 -9.30 14.90
CA SER C 93 -28.39 -7.95 15.05
CA SER C 93 -28.39 -7.95 15.05
C SER C 93 -28.98 -7.48 13.73
N GLY C 94 -29.87 -6.49 13.82
CA GLY C 94 -30.47 -5.87 12.65
C GLY C 94 -31.31 -6.83 11.82
N SER C 95 -30.82 -7.18 10.63
CA SER C 95 -31.46 -8.16 9.78
C SER C 95 -30.55 -9.35 9.62
N VAL C 96 -31.10 -10.55 9.76
CA VAL C 96 -30.36 -11.79 9.53
C VAL C 96 -31.17 -12.55 8.49
N ALA C 97 -30.83 -12.36 7.22
CA ALA C 97 -31.66 -12.84 6.11
C ALA C 97 -30.87 -13.68 5.13
N SER C 98 -31.53 -14.74 4.63
CA SER C 98 -31.00 -15.56 3.55
C SER C 98 -29.61 -16.06 3.88
N ALA C 99 -28.59 -15.70 3.08
CA ALA C 99 -27.25 -16.23 3.34
C ALA C 99 -26.80 -15.93 4.76
N GLY C 100 -27.17 -14.77 5.29
CA GLY C 100 -26.83 -14.45 6.66
C GLY C 100 -27.51 -15.35 7.67
N ALA C 101 -28.75 -15.76 7.38
CA ALA C 101 -29.44 -16.69 8.27
C ALA C 101 -28.83 -18.09 8.16
N LEU C 102 -28.36 -18.47 6.97
CA LEU C 102 -27.66 -19.74 6.85
C LEU C 102 -26.42 -19.77 7.73
N ILE C 103 -25.64 -18.69 7.68
CA ILE C 103 -24.46 -18.57 8.53
C ILE C 103 -24.86 -18.68 9.99
N TYR C 104 -25.87 -17.90 10.40
CA TYR C 104 -26.35 -17.89 11.79
C TYR C 104 -26.68 -19.29 12.27
N ALA C 105 -27.32 -20.08 11.42
CA ALA C 105 -27.76 -21.42 11.80
C ALA C 105 -26.60 -22.39 11.99
N ALA C 106 -25.37 -22.04 11.62
CA ALA C 106 -24.25 -22.98 11.75
C ALA C 106 -23.86 -23.20 13.20
N ALA C 107 -24.09 -22.22 14.06
CA ALA C 107 -23.69 -22.34 15.46
C ALA C 107 -24.61 -23.30 16.20
N ASP C 108 -24.07 -23.90 17.27
CA ASP C 108 -24.91 -24.70 18.15
C ASP C 108 -26.03 -23.84 18.74
N LYS C 109 -27.17 -24.49 18.96
CA LYS C 109 -28.35 -23.80 19.48
C LYS C 109 -28.05 -22.97 20.73
N GLU C 110 -27.37 -23.54 21.72
CA GLU C 110 -27.13 -22.80 22.95
C GLU C 110 -26.27 -21.56 22.75
N ASN C 111 -25.60 -21.42 21.60
CA ASN C 111 -24.70 -20.31 21.35
C ASN C 111 -25.29 -19.29 20.37
N ARG C 112 -26.59 -19.33 20.14
CA ARG C 112 -27.25 -18.45 19.19
C ARG C 112 -28.03 -17.38 19.96
N TYR C 113 -27.52 -16.16 19.91
CA TYR C 113 -28.08 -15.01 20.58
C TYR C 113 -28.62 -14.00 19.57
N SER C 114 -29.53 -13.14 20.05
CA SER C 114 -30.11 -12.10 19.21
C SER C 114 -30.35 -10.84 20.03
N LEU C 115 -30.24 -9.68 19.37
CA LEU C 115 -30.73 -8.42 19.92
C LEU C 115 -32.25 -8.33 19.79
N PRO C 116 -32.89 -7.46 20.57
CA PRO C 116 -34.36 -7.43 20.57
C PRO C 116 -34.98 -7.06 19.24
N ASN C 117 -34.35 -6.22 18.44
CA ASN C 117 -34.96 -5.75 17.21
C ASN C 117 -34.61 -6.59 15.98
N THR C 118 -33.82 -7.64 16.15
CA THR C 118 -33.35 -8.42 15.00
C THR C 118 -34.53 -9.11 14.33
N ARG C 119 -34.50 -9.11 13.00
CA ARG C 119 -35.49 -9.80 12.17
C ARG C 119 -34.77 -10.86 11.36
N PHE C 120 -35.37 -12.07 11.32
CA PHE C 120 -34.75 -13.21 10.65
C PHE C 120 -35.59 -13.65 9.46
N LEU C 121 -34.93 -13.90 8.33
CA LEU C 121 -35.60 -14.41 7.13
C LEU C 121 -34.86 -15.69 6.75
N LEU C 122 -35.55 -16.84 6.83
CA LEU C 122 -34.87 -18.08 6.46
C LEU C 122 -34.92 -18.35 4.98
N HIS C 123 -35.87 -17.75 4.27
CA HIS C 123 -35.98 -17.97 2.84
C HIS C 123 -34.67 -17.67 2.14
N GLN C 124 -34.30 -18.52 1.19
CA GLN C 124 -33.10 -18.31 0.39
C GLN C 124 -33.48 -18.03 -1.05
N PRO C 125 -33.21 -16.83 -1.59
CA PRO C 125 -33.46 -16.62 -3.02
C PRO C 125 -32.51 -17.50 -3.84
N SER C 126 -33.02 -18.08 -4.91
CA SER C 126 -32.24 -19.06 -5.68
C SER C 126 -31.87 -18.58 -7.09
N GLY C 127 -32.17 -17.33 -7.43
CA GLY C 127 -32.01 -16.87 -8.79
C GLY C 127 -30.58 -16.52 -9.15
N GLY C 128 -30.37 -16.37 -10.45
CA GLY C 128 -29.09 -15.98 -10.99
C GLY C 128 -28.34 -17.01 -11.80
N ILE C 129 -29.01 -18.08 -12.27
CA ILE C 129 -28.33 -19.15 -12.97
C ILE C 129 -27.78 -18.64 -14.29
N GLN C 130 -26.54 -19.04 -14.60
CA GLN C 130 -25.87 -18.59 -15.81
C GLN C 130 -24.87 -19.65 -16.26
N GLY C 131 -24.86 -19.94 -17.55
CA GLY C 131 -23.94 -20.91 -18.10
C GLY C 131 -24.43 -21.56 -19.38
N PRO C 132 -23.71 -22.57 -19.85
CA PRO C 132 -24.08 -23.22 -21.11
C PRO C 132 -25.45 -23.91 -21.01
N ALA C 133 -26.13 -23.98 -22.15
CA ALA C 133 -27.42 -24.68 -22.19
C ALA C 133 -27.25 -26.19 -22.04
N SER C 134 -26.10 -26.73 -22.44
CA SER C 134 -25.82 -28.16 -22.25
C SER C 134 -26.00 -28.53 -20.79
N ASN C 135 -25.64 -27.63 -19.87
CA ASN C 135 -25.77 -27.97 -18.46
C ASN C 135 -27.16 -27.67 -17.90
N ILE C 136 -28.21 -27.86 -18.68
CA ILE C 136 -29.54 -27.51 -18.18
C ILE C 136 -30.01 -28.55 -17.16
N GLU C 137 -29.77 -29.83 -17.42
CA GLU C 137 -30.17 -30.87 -16.49
C GLU C 137 -29.38 -30.77 -15.19
N ILE C 138 -28.09 -30.45 -15.30
CA ILE C 138 -27.24 -30.33 -14.11
C ILE C 138 -27.73 -29.19 -13.23
N TYR C 139 -28.09 -28.06 -13.84
CA TYR C 139 -28.62 -26.94 -13.07
C TYR C 139 -29.93 -27.31 -12.38
N ARG C 140 -30.79 -28.08 -13.06
CA ARG C 140 -32.03 -28.51 -12.42
C ARG C 140 -31.72 -29.24 -11.11
N ARG C 141 -30.88 -30.28 -11.19
CA ARG C 141 -30.63 -31.09 -9.99
C ARG C 141 -29.94 -30.31 -8.89
N GLU C 142 -29.11 -29.31 -9.23
CA GLU C 142 -28.49 -28.54 -8.15
C GLU C 142 -29.51 -27.68 -7.43
N ILE C 143 -30.50 -27.16 -8.16
CA ILE C 143 -31.56 -26.38 -7.52
C ILE C 143 -32.34 -27.25 -6.54
N VAL C 144 -32.73 -28.44 -6.99
CA VAL C 144 -33.46 -29.36 -6.11
C VAL C 144 -32.59 -29.76 -4.93
N ARG C 145 -31.34 -30.15 -5.19
CA ARG C 145 -30.45 -30.58 -4.13
C ARG C 145 -30.23 -29.47 -3.10
N MET C 146 -30.06 -28.22 -3.55
CA MET C 146 -29.80 -27.12 -2.63
C MET C 146 -31.02 -26.82 -1.76
N LYS C 147 -32.22 -26.80 -2.34
CA LYS C 147 -33.40 -26.57 -1.53
C LYS C 147 -33.55 -27.63 -0.44
N GLU C 148 -33.30 -28.89 -0.79
CA GLU C 148 -33.41 -29.97 0.18
C GLU C 148 -32.35 -29.85 1.26
N ARG C 149 -31.13 -29.48 0.88
CA ARG C 149 -30.10 -29.30 1.91
C ARG C 149 -30.45 -28.15 2.86
N LEU C 150 -30.97 -27.05 2.32
CA LEU C 150 -31.29 -25.88 3.14
C LEU C 150 -32.45 -26.17 4.08
N ASP C 151 -33.48 -26.85 3.61
CA ASP C 151 -34.56 -27.28 4.50
C ASP C 151 -34.04 -28.13 5.67
N ARG C 152 -33.14 -29.09 5.38
CA ARG C 152 -32.62 -29.94 6.45
C ARG C 152 -31.70 -29.18 7.39
N ILE C 153 -30.90 -28.24 6.87
CA ILE C 153 -30.05 -27.43 7.73
C ILE C 153 -30.88 -26.66 8.76
N PHE C 154 -31.94 -25.98 8.29
CA PHE C 154 -32.74 -25.16 9.21
C PHE C 154 -33.60 -26.03 10.11
N ALA C 155 -34.01 -27.20 9.65
CA ALA C 155 -34.73 -28.13 10.52
C ALA C 155 -33.85 -28.57 11.68
N GLU C 156 -32.62 -28.99 11.39
CA GLU C 156 -31.73 -29.42 12.46
C GLU C 156 -31.40 -28.26 13.40
N ALA C 157 -31.31 -27.05 12.87
CA ALA C 157 -30.93 -25.90 13.70
C ALA C 157 -32.07 -25.48 14.61
N THR C 158 -33.32 -25.69 14.19
CA THR C 158 -34.49 -25.22 14.92
C THR C 158 -35.22 -26.33 15.67
N GLY C 159 -35.05 -27.59 15.30
CA GLY C 159 -35.88 -28.65 15.84
C GLY C 159 -37.19 -28.86 15.12
N GLN C 160 -37.46 -28.09 14.07
CA GLN C 160 -38.62 -28.32 13.24
C GLN C 160 -38.30 -29.44 12.25
N THR C 161 -39.34 -29.98 11.64
CA THR C 161 -39.15 -30.95 10.58
C THR C 161 -38.73 -30.24 9.29
N PRO C 162 -38.04 -30.96 8.38
CA PRO C 162 -37.74 -30.35 7.08
C PRO C 162 -38.99 -29.93 6.32
N GLU C 163 -40.07 -30.70 6.44
CA GLU C 163 -41.32 -30.37 5.77
C GLU C 163 -41.93 -29.08 6.34
N LYS C 164 -41.84 -28.88 7.66
CA LYS C 164 -42.32 -27.65 8.27
C LYS C 164 -41.47 -26.46 7.84
N ILE C 165 -40.14 -26.61 7.81
CA ILE C 165 -39.29 -25.53 7.30
C ILE C 165 -39.73 -25.17 5.87
N SER C 166 -39.85 -26.18 5.01
CA SER C 166 -40.22 -25.94 3.63
C SER C 166 -41.61 -25.29 3.51
N ALA C 167 -42.57 -25.73 4.32
CA ALA C 167 -43.90 -25.13 4.21
C ALA C 167 -43.88 -23.66 4.63
N ASP C 168 -43.14 -23.35 5.69
CA ASP C 168 -43.17 -22.00 6.25
C ASP C 168 -42.30 -20.98 5.51
N THR C 169 -41.12 -21.37 5.02
CA THR C 169 -40.08 -20.35 4.76
C THR C 169 -40.16 -19.75 3.36
N GLU C 170 -41.22 -19.01 3.14
CA GLU C 170 -41.42 -18.31 1.89
C GLU C 170 -40.72 -16.94 1.90
N ARG C 171 -40.75 -16.24 0.76
CA ARG C 171 -40.03 -14.97 0.60
C ARG C 171 -40.47 -13.91 1.64
N ASP C 172 -41.74 -13.91 2.05
CA ASP C 172 -42.23 -12.90 2.97
C ASP C 172 -42.40 -13.44 4.39
N PHE C 173 -41.73 -14.53 4.78
CA PHE C 173 -41.92 -15.12 6.11
C PHE C 173 -40.76 -14.66 7.00
N TRP C 174 -41.00 -13.57 7.72
CA TRP C 174 -40.04 -12.97 8.62
C TRP C 174 -40.34 -13.37 10.06
N LEU C 175 -39.30 -13.54 10.86
CA LEU C 175 -39.44 -13.81 12.28
C LEU C 175 -38.76 -12.67 13.05
N ASN C 176 -39.49 -12.07 14.01
CA ASN C 176 -38.86 -11.16 14.96
C ASN C 176 -38.15 -12.00 16.03
N ALA C 177 -37.43 -11.34 16.93
CA ALA C 177 -36.56 -12.06 17.85
C ALA C 177 -37.36 -13.02 18.72
N GLU C 178 -38.51 -12.57 19.23
CA GLU C 178 -39.31 -13.44 20.09
C GLU C 178 -39.90 -14.61 19.30
N GLU C 179 -40.40 -14.33 18.09
CA GLU C 179 -40.87 -15.42 17.23
C GLU C 179 -39.71 -16.36 16.88
N ALA C 180 -38.49 -15.82 16.70
CA ALA C 180 -37.38 -16.69 16.38
C ALA C 180 -37.03 -17.60 17.55
N VAL C 181 -37.20 -17.13 18.78
CA VAL C 181 -36.97 -17.98 19.94
C VAL C 181 -38.01 -19.10 19.99
N GLN C 182 -39.29 -18.75 19.84
CA GLN C 182 -40.31 -19.79 19.86
C GLN C 182 -40.10 -20.80 18.73
N TYR C 183 -39.60 -20.34 17.58
CA TYR C 183 -39.38 -21.22 16.44
C TYR C 183 -38.20 -22.17 16.62
N GLY C 184 -37.30 -21.89 17.57
CA GLY C 184 -36.12 -22.69 17.80
C GLY C 184 -34.84 -22.15 17.18
N LEU C 185 -34.89 -21.01 16.50
CA LEU C 185 -33.71 -20.49 15.83
C LEU C 185 -32.79 -19.75 16.79
N VAL C 186 -33.36 -18.98 17.70
CA VAL C 186 -32.59 -18.16 18.64
C VAL C 186 -32.72 -18.75 20.02
N ASN C 187 -31.60 -18.86 20.73
CA ASN C 187 -31.66 -19.38 22.08
C ASN C 187 -32.00 -18.31 23.11
N LYS C 188 -31.41 -17.13 23.01
CA LYS C 188 -31.62 -16.12 24.05
C LYS C 188 -31.51 -14.74 23.42
N ILE C 189 -32.44 -13.88 23.82
CA ILE C 189 -32.42 -12.48 23.43
C ILE C 189 -31.62 -11.71 24.47
N ILE C 190 -30.65 -10.91 24.01
CA ILE C 190 -29.77 -10.19 24.91
C ILE C 190 -29.60 -8.78 24.41
N VAL C 191 -29.24 -7.89 25.33
CA VAL C 191 -28.87 -6.51 24.99
C VAL C 191 -27.43 -6.20 25.36
N SER C 192 -26.79 -7.04 26.17
CA SER C 192 -25.44 -6.81 26.66
C SER C 192 -24.58 -8.05 26.47
N GLU C 193 -23.30 -7.81 26.18
CA GLU C 193 -22.34 -8.91 26.06
C GLU C 193 -22.19 -9.66 27.37
N ARG C 194 -22.48 -9.02 28.51
CA ARG C 194 -22.39 -9.73 29.78
C ARG C 194 -23.40 -10.86 29.90
N GLU C 195 -24.44 -10.86 29.07
CA GLU C 195 -25.51 -11.87 29.13
C GLU C 195 -25.16 -13.16 28.39
N ILE C 196 -24.01 -13.20 27.74
CA ILE C 196 -23.56 -14.41 27.07
C ILE C 196 -23.02 -15.37 28.13
N THR C 197 -23.42 -16.64 28.03
CA THR C 197 -22.88 -17.70 28.85
C THR C 197 -22.11 -18.64 27.92
N LEU C 198 -20.79 -18.72 28.13
CA LEU C 198 -19.95 -19.56 27.28
C LEU C 198 -20.18 -21.04 27.57
N PRO C 199 -20.05 -21.90 26.55
CA PRO C 199 -20.22 -23.35 26.74
C PRO C 199 -19.08 -23.96 27.56
N HIS D 14 -2.10 -6.56 -4.83
CA HIS D 14 -1.39 -7.83 -4.66
C HIS D 14 0.11 -7.63 -4.48
N GLY D 15 0.56 -6.39 -4.63
CA GLY D 15 1.97 -6.11 -4.40
C GLY D 15 2.38 -6.50 -2.99
N ALA D 16 1.49 -6.26 -2.01
CA ALA D 16 1.81 -6.61 -0.63
C ALA D 16 1.98 -8.13 -0.48
N ILE D 17 1.14 -8.90 -1.16
CA ILE D 17 1.26 -10.36 -1.10
C ILE D 17 2.56 -10.81 -1.78
N GLY D 18 2.81 -10.32 -3.00
CA GLY D 18 4.02 -10.71 -3.71
C GLY D 18 5.27 -10.33 -2.95
N ALA D 19 5.26 -9.16 -2.30
CA ALA D 19 6.43 -8.74 -1.55
C ALA D 19 6.68 -9.66 -0.36
N LYS D 20 5.61 -10.07 0.33
CA LYS D 20 5.76 -10.90 1.50
C LYS D 20 6.27 -12.30 1.12
N LEU D 21 5.72 -12.89 0.07
CA LEU D 21 6.17 -14.21 -0.37
C LEU D 21 7.62 -14.16 -0.89
N MET D 22 7.95 -13.14 -1.66
CA MET D 22 9.33 -12.99 -2.09
C MET D 22 10.27 -12.99 -0.89
N GLU D 23 9.94 -12.21 0.14
CA GLU D 23 10.77 -12.13 1.34
C GLU D 23 10.93 -13.48 2.03
N TYR D 24 9.82 -14.21 2.21
CA TYR D 24 9.93 -15.52 2.84
C TYR D 24 10.73 -16.49 1.99
N ALA D 25 10.56 -16.41 0.67
CA ALA D 25 11.33 -17.26 -0.24
C ALA D 25 12.82 -16.94 -0.15
N LEU D 26 13.18 -15.66 -0.10
CA LEU D 26 14.59 -15.31 0.05
C LEU D 26 15.18 -15.89 1.33
N LYS D 27 14.44 -15.85 2.43
CA LYS D 27 14.96 -16.36 3.69
C LYS D 27 15.24 -17.84 3.64
N VAL D 28 14.60 -18.58 2.73
CA VAL D 28 14.88 -20.00 2.53
C VAL D 28 15.71 -20.23 1.26
N ARG D 29 16.27 -19.17 0.67
CA ARG D 29 17.18 -19.21 -0.46
C ARG D 29 16.53 -19.83 -1.69
N LYS D 30 15.30 -19.44 -1.96
CA LYS D 30 14.59 -19.89 -3.15
C LYS D 30 14.24 -18.67 -3.97
N VAL D 31 14.49 -18.75 -5.27
CA VAL D 31 14.18 -17.67 -6.20
C VAL D 31 13.25 -18.23 -7.27
N PHE D 32 12.20 -17.49 -7.57
CA PHE D 32 11.20 -17.90 -8.54
C PHE D 32 11.33 -17.00 -9.75
N VAL D 33 11.49 -17.63 -10.91
CA VAL D 33 11.52 -16.98 -12.21
C VAL D 33 10.29 -17.50 -12.92
N THR D 34 9.19 -16.77 -12.81
CA THR D 34 7.90 -17.23 -13.30
C THR D 34 7.36 -16.21 -14.28
N GLY D 35 6.93 -16.68 -15.45
CA GLY D 35 6.37 -15.80 -16.45
C GLY D 35 7.44 -15.13 -17.30
N GLY D 36 7.01 -14.09 -18.02
CA GLY D 36 7.90 -13.41 -18.95
C GLY D 36 9.11 -12.76 -18.30
N VAL D 37 10.28 -12.95 -18.90
CA VAL D 37 11.51 -12.34 -18.42
C VAL D 37 11.57 -10.91 -18.96
N ASP D 38 11.41 -9.93 -18.09
CA ASP D 38 11.44 -8.51 -18.47
C ASP D 38 12.47 -7.78 -17.60
N GLU D 39 12.60 -6.48 -17.85
CA GLU D 39 13.61 -5.69 -17.14
C GLU D 39 13.35 -5.71 -15.64
N LYS D 40 12.08 -5.69 -15.24
CA LYS D 40 11.78 -5.65 -13.82
C LYS D 40 12.27 -6.94 -13.14
N MET D 41 12.05 -8.09 -13.80
CA MET D 41 12.53 -9.34 -13.23
C MET D 41 14.05 -9.36 -13.10
N ALA D 42 14.76 -8.89 -14.14
CA ALA D 42 16.21 -8.86 -14.08
C ALA D 42 16.68 -8.00 -12.91
N LYS D 43 16.04 -6.85 -12.72
CA LYS D 43 16.38 -6.00 -11.58
C LYS D 43 16.18 -6.76 -10.26
N ASP D 44 15.02 -7.43 -10.11
CA ASP D 44 14.73 -8.14 -8.88
C ASP D 44 15.63 -9.37 -8.71
N VAL D 45 15.75 -10.19 -9.75
CA VAL D 45 16.50 -11.44 -9.59
C VAL D 45 17.97 -11.15 -9.35
N VAL D 46 18.53 -10.17 -10.06
CA VAL D 46 19.94 -9.86 -9.83
C VAL D 46 20.15 -9.44 -8.38
N GLN D 47 19.27 -8.60 -7.84
CA GLN D 47 19.40 -8.19 -6.45
C GLN D 47 19.26 -9.38 -5.51
N GLN D 48 18.24 -10.21 -5.75
CA GLN D 48 18.01 -11.36 -4.89
C GLN D 48 19.26 -12.25 -4.84
N LEU D 49 19.84 -12.52 -6.00
CA LEU D 49 21.02 -13.37 -6.06
C LEU D 49 22.17 -12.78 -5.29
N HIS D 50 22.41 -11.47 -5.46
CA HIS D 50 23.52 -10.83 -4.77
C HIS D 50 23.26 -10.74 -3.28
N ILE D 51 22.01 -10.50 -2.89
CA ILE D 51 21.68 -10.50 -1.47
C ILE D 51 21.97 -11.87 -0.87
N LEU D 52 21.49 -12.93 -1.50
CA LEU D 52 21.73 -14.27 -0.99
C LEU D 52 23.22 -14.59 -0.96
N ALA D 53 23.96 -14.15 -1.98
CA ALA D 53 25.40 -14.42 -1.99
C ALA D 53 26.11 -13.70 -0.85
N SER D 54 25.65 -12.50 -0.49
CA SER D 54 26.31 -11.79 0.61
C SER D 54 26.04 -12.48 1.94
N ILE D 55 24.89 -13.15 2.07
CA ILE D 55 24.53 -13.78 3.33
C ILE D 55 25.32 -15.06 3.55
N SER D 56 25.49 -15.88 2.51
CA SER D 56 26.27 -17.10 2.68
C SER D 56 26.58 -17.72 1.32
N ASP D 57 27.47 -18.71 1.35
CA ASP D 57 27.85 -19.47 0.17
C ASP D 57 26.96 -20.69 -0.07
N ASP D 58 25.91 -20.87 0.74
CA ASP D 58 25.05 -22.04 0.61
C ASP D 58 24.30 -22.01 -0.72
N PRO D 59 23.89 -23.17 -1.22
CA PRO D 59 23.22 -23.21 -2.53
C PRO D 59 21.96 -22.35 -2.55
N ILE D 60 21.60 -21.95 -3.76
CA ILE D 60 20.38 -21.19 -4.05
C ILE D 60 19.54 -22.04 -5.00
N TYR D 61 18.25 -22.17 -4.69
CA TYR D 61 17.32 -22.90 -5.55
C TYR D 61 16.59 -21.91 -6.43
N MET D 62 16.66 -22.12 -7.75
CA MET D 62 15.98 -21.25 -8.69
C MET D 62 14.96 -22.08 -9.47
N PHE D 63 13.70 -21.65 -9.42
CA PHE D 63 12.60 -22.34 -10.08
C PHE D 63 12.18 -21.55 -11.29
N VAL D 64 12.29 -22.16 -12.47
CA VAL D 64 12.07 -21.48 -13.73
C VAL D 64 10.86 -22.09 -14.42
N ASN D 65 9.89 -21.24 -14.71
CA ASN D 65 8.73 -21.58 -15.53
C ASN D 65 8.39 -20.30 -16.31
N SER D 66 8.96 -20.18 -17.51
CA SER D 66 8.86 -18.93 -18.26
C SER D 66 8.62 -19.20 -19.75
N PRO D 67 7.62 -18.57 -20.36
CA PRO D 67 7.37 -18.76 -21.80
C PRO D 67 8.26 -17.95 -22.72
N GLY D 68 9.16 -17.14 -22.18
CA GLY D 68 10.06 -16.34 -22.97
C GLY D 68 10.29 -14.99 -22.35
N GLY D 69 10.78 -14.07 -23.18
CA GLY D 69 10.96 -12.69 -22.76
C GLY D 69 12.17 -12.05 -23.45
N HIS D 70 12.64 -10.97 -22.84
CA HIS D 70 13.75 -10.17 -23.35
C HIS D 70 15.08 -10.83 -23.06
N VAL D 71 15.87 -11.04 -24.12
CA VAL D 71 17.10 -11.83 -24.00
C VAL D 71 18.14 -11.06 -23.23
N GLU D 72 18.20 -9.75 -23.42
CA GLU D 72 19.17 -8.98 -22.66
C GLU D 72 18.90 -9.04 -21.17
N SER D 73 17.62 -9.15 -20.77
CA SER D 73 17.30 -9.30 -19.36
C SER D 73 17.66 -10.69 -18.85
N GLY D 74 17.43 -11.73 -19.67
CA GLY D 74 17.93 -13.04 -19.32
C GLY D 74 19.43 -13.03 -19.16
N ASP D 75 20.11 -12.27 -20.00
CA ASP D 75 21.56 -12.19 -19.97
C ASP D 75 22.08 -11.61 -18.66
N MET D 76 21.40 -10.57 -18.16
CA MET D 76 21.80 -9.99 -16.89
C MET D 76 21.73 -11.02 -15.76
N ILE D 77 20.67 -11.81 -15.74
CA ILE D 77 20.52 -12.86 -14.72
C ILE D 77 21.56 -13.96 -14.92
N PHE D 78 21.77 -14.38 -16.17
CA PHE D 78 22.83 -15.34 -16.50
C PHE D 78 24.17 -14.90 -15.91
N ASP D 79 24.56 -13.64 -16.16
CA ASP D 79 25.85 -13.15 -15.70
C ASP D 79 25.93 -13.15 -14.18
N ALA D 80 24.84 -12.77 -13.52
CA ALA D 80 24.83 -12.77 -12.06
C ALA D 80 24.94 -14.18 -11.50
N ILE D 81 24.22 -15.14 -12.10
CA ILE D 81 24.34 -16.54 -11.66
C ILE D 81 25.78 -17.00 -11.76
N ARG D 82 26.45 -16.69 -12.88
CA ARG D 82 27.84 -17.12 -13.06
C ARG D 82 28.78 -16.39 -12.12
N PHE D 83 28.48 -15.14 -11.79
CA PHE D 83 29.41 -14.32 -11.01
C PHE D 83 29.42 -14.66 -9.53
N ILE D 84 28.24 -14.91 -8.94
CA ILE D 84 28.17 -15.10 -7.48
C ILE D 84 28.79 -16.43 -7.10
N THR D 85 29.18 -16.55 -5.84
CA THR D 85 29.86 -17.75 -5.36
C THR D 85 28.90 -18.91 -5.10
N PRO D 86 27.71 -18.69 -4.54
CA PRO D 86 26.81 -19.84 -4.32
C PRO D 86 26.46 -20.53 -5.64
N LYS D 87 26.39 -21.87 -5.58
CA LYS D 87 25.88 -22.63 -6.71
C LYS D 87 24.37 -22.47 -6.81
N VAL D 88 23.87 -22.27 -8.03
CA VAL D 88 22.45 -22.17 -8.30
C VAL D 88 21.96 -23.53 -8.77
N ILE D 89 20.97 -24.08 -8.05
CA ILE D 89 20.32 -25.33 -8.41
C ILE D 89 19.07 -25.00 -9.22
N MET D 90 19.01 -25.50 -10.44
CA MET D 90 18.03 -25.06 -11.42
C MET D 90 16.95 -26.14 -11.57
N ILE D 91 15.70 -25.76 -11.29
CA ILE D 91 14.58 -26.67 -11.47
C ILE D 91 13.64 -26.05 -12.49
N GLY D 92 13.55 -26.66 -13.66
CA GLY D 92 12.66 -26.20 -14.71
C GLY D 92 11.35 -26.96 -14.68
N SER D 93 10.26 -26.23 -14.87
CA SER D 93 8.94 -26.84 -14.92
C SER D 93 8.07 -26.03 -15.87
N GLY D 94 7.05 -26.69 -16.42
CA GLY D 94 6.17 -26.03 -17.36
C GLY D 94 6.85 -25.72 -18.68
N SER D 95 7.17 -24.45 -18.89
CA SER D 95 7.91 -24.00 -20.06
C SER D 95 9.23 -23.35 -19.64
N VAL D 96 10.30 -23.68 -20.35
CA VAL D 96 11.59 -23.00 -20.19
C VAL D 96 11.98 -22.53 -21.59
N ALA D 97 11.59 -21.30 -21.94
CA ALA D 97 11.66 -20.84 -23.32
C ALA D 97 12.49 -19.56 -23.43
N SER D 98 13.27 -19.48 -24.51
CA SER D 98 13.96 -18.25 -24.91
C SER D 98 14.77 -17.68 -23.76
N ALA D 99 14.42 -16.46 -23.33
CA ALA D 99 15.17 -15.84 -22.24
C ALA D 99 15.20 -16.76 -21.02
N GLY D 100 14.10 -17.48 -20.77
CA GLY D 100 14.07 -18.40 -19.64
C GLY D 100 15.05 -19.54 -19.80
N ALA D 101 15.23 -20.02 -21.03
CA ALA D 101 16.21 -21.06 -21.31
C ALA D 101 17.63 -20.54 -21.15
N LEU D 102 17.86 -19.26 -21.47
CA LEU D 102 19.17 -18.66 -21.21
C LEU D 102 19.46 -18.66 -19.72
N ILE D 103 18.49 -18.26 -18.90
CA ILE D 103 18.66 -18.29 -17.46
C ILE D 103 18.97 -19.70 -16.99
N TYR D 104 18.17 -20.67 -17.45
CA TYR D 104 18.35 -22.07 -17.07
C TYR D 104 19.77 -22.55 -17.39
N ALA D 105 20.28 -22.19 -18.56
CA ALA D 105 21.59 -22.68 -18.98
C ALA D 105 22.73 -22.11 -18.15
N ALA D 106 22.48 -21.11 -17.30
CA ALA D 106 23.56 -20.52 -16.52
C ALA D 106 24.08 -21.47 -15.45
N ALA D 107 23.22 -22.35 -14.95
CA ALA D 107 23.65 -23.27 -13.91
C ALA D 107 24.59 -24.32 -14.48
N ASP D 108 25.47 -24.83 -13.62
CA ASP D 108 26.29 -25.97 -14.00
C ASP D 108 25.40 -27.16 -14.37
N LYS D 109 25.87 -27.94 -15.33
CA LYS D 109 25.10 -29.06 -15.86
C LYS D 109 24.62 -29.98 -14.74
N GLU D 110 25.51 -30.32 -13.81
CA GLU D 110 25.16 -31.23 -12.74
C GLU D 110 24.04 -30.69 -11.86
N ASN D 111 23.71 -29.40 -11.99
CA ASN D 111 22.69 -28.76 -11.18
C ASN D 111 21.43 -28.40 -11.97
N ARG D 112 21.25 -28.97 -13.16
CA ARG D 112 20.12 -28.63 -14.01
C ARG D 112 19.11 -29.78 -14.00
N TYR D 113 17.99 -29.55 -13.34
CA TYR D 113 16.92 -30.51 -13.21
C TYR D 113 15.68 -30.05 -13.96
N SER D 114 14.84 -31.02 -14.31
CA SER D 114 13.59 -30.73 -14.98
C SER D 114 12.53 -31.71 -14.51
N LEU D 115 11.28 -31.24 -14.44
CA LEU D 115 10.16 -32.15 -14.30
C LEU D 115 9.88 -32.86 -15.61
N PRO D 116 9.18 -34.00 -15.56
CA PRO D 116 8.98 -34.80 -16.80
C PRO D 116 8.21 -34.07 -17.88
N ASN D 117 7.29 -33.20 -17.51
CA ASN D 117 6.41 -32.55 -18.48
C ASN D 117 6.97 -31.22 -18.99
N THR D 118 8.16 -30.84 -18.57
CA THR D 118 8.68 -29.55 -18.99
C THR D 118 9.03 -29.57 -20.48
N ARG D 119 8.68 -28.47 -21.16
CA ARG D 119 9.11 -28.28 -22.54
C ARG D 119 10.02 -27.05 -22.65
N PHE D 120 11.04 -27.20 -23.50
CA PHE D 120 12.14 -26.24 -23.63
C PHE D 120 12.14 -25.71 -25.04
N LEU D 121 12.31 -24.39 -25.14
CA LEU D 121 12.37 -23.71 -26.44
C LEU D 121 13.62 -22.85 -26.58
N LEU D 122 14.46 -23.19 -27.54
CA LEU D 122 15.59 -22.37 -27.96
C LEU D 122 15.21 -21.69 -29.28
N HIS D 123 15.55 -20.40 -29.42
CA HIS D 123 15.26 -19.70 -30.67
C HIS D 123 16.19 -18.48 -30.78
N GLN D 124 16.73 -18.25 -31.98
CA GLN D 124 17.57 -17.06 -32.23
C GLN D 124 16.85 -15.79 -31.81
N PRO D 125 17.53 -14.88 -31.16
CA PRO D 125 16.93 -13.60 -30.81
C PRO D 125 16.45 -12.80 -32.04
N SER D 126 15.39 -12.01 -31.82
CA SER D 126 14.82 -11.18 -32.84
C SER D 126 15.20 -9.72 -32.62
N ASN D 135 23.91 2.36 -40.52
CA ASN D 135 22.81 2.37 -39.55
C ASN D 135 22.16 0.99 -39.47
N ILE D 136 21.64 0.47 -40.57
CA ILE D 136 21.01 -0.85 -40.54
C ILE D 136 22.07 -1.93 -40.44
N GLU D 137 23.19 -1.75 -41.17
CA GLU D 137 24.28 -2.71 -41.10
C GLU D 137 24.87 -2.79 -39.69
N ILE D 138 25.00 -1.65 -39.01
CA ILE D 138 25.55 -1.68 -37.66
C ILE D 138 24.62 -2.46 -36.75
N TYR D 139 23.31 -2.26 -36.89
CA TYR D 139 22.39 -3.05 -36.08
C TYR D 139 22.51 -4.52 -36.45
N ARG D 140 22.69 -4.82 -37.74
CA ARG D 140 22.97 -6.18 -38.15
C ARG D 140 24.18 -6.75 -37.43
N ARG D 141 25.30 -6.00 -37.45
CA ARG D 141 26.51 -6.51 -36.82
C ARG D 141 26.29 -6.74 -35.33
N GLU D 142 25.41 -5.94 -34.71
CA GLU D 142 25.11 -6.16 -33.30
C GLU D 142 24.22 -7.39 -33.11
N ILE D 143 23.26 -7.60 -34.00
CA ILE D 143 22.41 -8.79 -33.89
C ILE D 143 23.26 -10.05 -34.09
N VAL D 144 24.11 -10.05 -35.11
CA VAL D 144 24.98 -11.20 -35.35
C VAL D 144 25.85 -11.44 -34.12
N ARG D 145 26.43 -10.39 -33.56
CA ARG D 145 27.25 -10.57 -32.36
C ARG D 145 26.46 -11.23 -31.24
N MET D 146 25.21 -10.80 -31.02
CA MET D 146 24.42 -11.40 -29.96
C MET D 146 24.06 -12.85 -30.30
N LYS D 147 23.65 -13.10 -31.55
CA LYS D 147 23.38 -14.48 -31.96
C LYS D 147 24.62 -15.38 -31.75
N GLU D 148 25.83 -14.90 -32.11
CA GLU D 148 27.04 -15.69 -31.97
C GLU D 148 27.35 -15.92 -30.49
N ARG D 149 27.11 -14.88 -29.66
CA ARG D 149 27.33 -15.03 -28.23
C ARG D 149 26.39 -16.09 -27.63
N LEU D 150 25.12 -16.08 -28.05
CA LEU D 150 24.14 -17.04 -27.53
C LEU D 150 24.44 -18.46 -28.01
N ASP D 151 24.86 -18.60 -29.27
CA ASP D 151 25.22 -19.92 -29.77
C ASP D 151 26.33 -20.54 -28.92
N ARG D 152 27.35 -19.76 -28.60
CA ARG D 152 28.46 -20.29 -27.80
C ARG D 152 28.04 -20.57 -26.37
N ILE D 153 27.17 -19.73 -25.79
CA ILE D 153 26.69 -20.00 -24.44
C ILE D 153 25.97 -21.35 -24.41
N PHE D 154 25.04 -21.57 -25.35
CA PHE D 154 24.30 -22.83 -25.34
C PHE D 154 25.17 -24.00 -25.78
N ALA D 155 26.15 -23.76 -26.64
CA ALA D 155 27.11 -24.81 -26.98
C ALA D 155 27.87 -25.25 -25.73
N GLU D 156 28.42 -24.29 -24.97
CA GLU D 156 29.15 -24.66 -23.77
C GLU D 156 28.25 -25.31 -22.73
N ALA D 157 26.99 -24.89 -22.66
CA ALA D 157 26.10 -25.42 -21.63
C ALA D 157 25.66 -26.84 -21.96
N THR D 158 25.55 -27.18 -23.24
CA THR D 158 24.99 -28.46 -23.65
C THR D 158 26.03 -29.47 -24.10
N GLY D 159 27.21 -29.02 -24.52
CA GLY D 159 28.16 -29.90 -25.16
C GLY D 159 27.95 -30.04 -26.65
N GLN D 160 26.96 -29.37 -27.22
CA GLN D 160 26.81 -29.35 -28.66
C GLN D 160 27.79 -28.35 -29.26
N THR D 161 27.99 -28.46 -30.56
CA THR D 161 28.81 -27.48 -31.22
C THR D 161 28.03 -26.18 -31.42
N PRO D 162 28.73 -25.04 -31.50
CA PRO D 162 28.03 -23.80 -31.84
C PRO D 162 27.29 -23.88 -33.18
N GLU D 163 27.87 -24.59 -34.16
CA GLU D 163 27.20 -24.70 -35.45
C GLU D 163 25.88 -25.46 -35.33
N LYS D 164 25.86 -26.53 -34.54
CA LYS D 164 24.62 -27.25 -34.32
C LYS D 164 23.61 -26.37 -33.59
N ILE D 165 24.04 -25.66 -32.55
CA ILE D 165 23.12 -24.76 -31.87
C ILE D 165 22.53 -23.75 -32.86
N SER D 166 23.40 -23.13 -33.67
CA SER D 166 22.92 -22.13 -34.61
C SER D 166 21.94 -22.73 -35.60
N ALA D 167 22.27 -23.89 -36.15
CA ALA D 167 21.40 -24.50 -37.16
C ALA D 167 20.06 -24.90 -36.57
N ASP D 168 20.06 -25.44 -35.34
CA ASP D 168 18.81 -25.89 -34.76
C ASP D 168 17.92 -24.70 -34.41
N THR D 169 18.53 -23.58 -34.02
CA THR D 169 17.78 -22.45 -33.51
C THR D 169 17.37 -21.46 -34.61
N GLU D 170 17.69 -21.74 -35.87
CA GLU D 170 17.21 -20.87 -36.94
C GLU D 170 15.74 -20.56 -36.77
N ARG D 171 14.94 -21.61 -36.55
CA ARG D 171 13.52 -21.50 -36.24
C ARG D 171 13.27 -22.01 -34.82
N ASP D 172 12.01 -22.06 -34.42
CA ASP D 172 11.62 -22.49 -33.09
C ASP D 172 11.92 -23.98 -32.89
N PHE D 173 12.91 -24.26 -32.04
CA PHE D 173 13.39 -25.61 -31.73
C PHE D 173 12.84 -26.02 -30.36
N TRP D 174 11.80 -26.86 -30.36
CA TRP D 174 11.17 -27.32 -29.13
C TRP D 174 11.72 -28.70 -28.71
N LEU D 175 11.92 -28.87 -27.40
CA LEU D 175 12.38 -30.12 -26.81
C LEU D 175 11.50 -30.50 -25.62
N ASN D 176 11.06 -31.76 -25.57
CA ASN D 176 10.48 -32.26 -24.32
C ASN D 176 11.64 -32.58 -23.35
N ALA D 177 11.30 -32.96 -22.12
CA ALA D 177 12.32 -33.13 -21.10
C ALA D 177 13.34 -34.21 -21.47
N GLU D 178 12.89 -35.35 -22.00
CA GLU D 178 13.82 -36.40 -22.37
C GLU D 178 14.69 -35.99 -23.57
N GLU D 179 14.11 -35.28 -24.54
CA GLU D 179 14.93 -34.75 -25.63
C GLU D 179 15.94 -33.73 -25.11
N ALA D 180 15.55 -32.94 -24.10
CA ALA D 180 16.44 -31.94 -23.53
C ALA D 180 17.58 -32.60 -22.78
N VAL D 181 17.34 -33.77 -22.17
CA VAL D 181 18.43 -34.51 -21.56
C VAL D 181 19.40 -35.00 -22.62
N GLN D 182 18.87 -35.61 -23.68
CA GLN D 182 19.72 -36.11 -24.75
C GLN D 182 20.52 -34.99 -25.39
N TYR D 183 19.92 -33.79 -25.49
CA TYR D 183 20.57 -32.64 -26.10
C TYR D 183 21.66 -32.03 -25.23
N GLY D 184 21.68 -32.32 -23.94
CA GLY D 184 22.65 -31.75 -23.03
C GLY D 184 22.15 -30.55 -22.24
N LEU D 185 20.91 -30.14 -22.44
CA LEU D 185 20.42 -28.97 -21.73
C LEU D 185 20.02 -29.32 -20.30
N VAL D 186 19.38 -30.48 -20.12
CA VAL D 186 18.89 -30.95 -18.83
C VAL D 186 19.75 -32.11 -18.40
N ASN D 187 20.14 -32.12 -17.13
CA ASN D 187 20.93 -33.23 -16.62
C ASN D 187 20.07 -34.38 -16.10
N LYS D 188 18.99 -34.07 -15.37
CA LYS D 188 18.24 -35.10 -14.67
C LYS D 188 16.76 -34.72 -14.59
N ILE D 189 15.90 -35.68 -14.89
CA ILE D 189 14.46 -35.50 -14.79
C ILE D 189 14.02 -36.01 -13.42
N ILE D 190 13.25 -35.18 -12.71
CA ILE D 190 12.82 -35.49 -11.36
C ILE D 190 11.35 -35.10 -11.16
N VAL D 191 10.74 -35.70 -10.15
CA VAL D 191 9.43 -35.28 -9.67
C VAL D 191 9.44 -34.81 -8.23
N SER D 192 10.51 -35.05 -7.48
CA SER D 192 10.58 -34.79 -6.05
C SER D 192 11.86 -34.04 -5.71
N GLU D 193 11.76 -33.11 -4.76
CA GLU D 193 12.94 -32.41 -4.29
C GLU D 193 13.94 -33.36 -3.68
N ARG D 194 13.49 -34.53 -3.20
CA ARG D 194 14.40 -35.51 -2.62
C ARG D 194 15.36 -36.09 -3.65
N GLU D 195 15.07 -35.95 -4.94
CA GLU D 195 15.96 -36.43 -6.00
C GLU D 195 17.05 -35.42 -6.35
N ILE D 196 17.06 -34.26 -5.69
CA ILE D 196 18.15 -33.31 -5.86
C ILE D 196 19.30 -33.72 -4.95
N THR D 197 20.52 -33.68 -5.48
CA THR D 197 21.74 -33.89 -4.71
C THR D 197 22.48 -32.57 -4.64
N LEU D 198 22.83 -32.12 -3.44
CA LEU D 198 23.62 -30.90 -3.37
C LEU D 198 25.03 -31.18 -3.91
N PRO D 199 25.64 -30.24 -4.66
CA PRO D 199 27.00 -30.51 -5.20
C PRO D 199 28.07 -30.52 -4.11
N HIS E 14 -7.95 -4.16 -0.87
CA HIS E 14 -8.03 -5.47 -0.20
C HIS E 14 -6.69 -6.19 -0.17
N GLY E 15 -5.69 -5.64 -0.87
CA GLY E 15 -4.38 -6.24 -0.87
C GLY E 15 -3.77 -6.36 0.51
N ALA E 16 -3.94 -5.33 1.34
CA ALA E 16 -3.36 -5.37 2.68
C ALA E 16 -4.03 -6.46 3.52
N ILE E 17 -5.34 -6.60 3.41
CA ILE E 17 -6.03 -7.64 4.16
C ILE E 17 -5.59 -9.01 3.69
N GLY E 18 -5.56 -9.21 2.36
CA GLY E 18 -5.15 -10.49 1.82
C GLY E 18 -3.74 -10.85 2.22
N ALA E 19 -2.85 -9.87 2.24
CA ALA E 19 -1.47 -10.14 2.62
C ALA E 19 -1.37 -10.58 4.07
N LYS E 20 -2.15 -9.93 4.95
CA LYS E 20 -2.15 -10.27 6.36
C LYS E 20 -2.74 -11.66 6.60
N LEU E 21 -3.82 -11.99 5.91
CA LEU E 21 -4.38 -13.34 6.03
C LEU E 21 -3.41 -14.38 5.49
N MET E 22 -2.74 -14.06 4.39
CA MET E 22 -1.69 -14.92 3.85
C MET E 22 -0.65 -15.23 4.91
N GLU E 23 -0.11 -14.21 5.55
CA GLU E 23 0.94 -14.42 6.53
C GLU E 23 0.47 -15.35 7.63
N TYR E 24 -0.72 -15.09 8.17
CA TYR E 24 -1.26 -15.92 9.24
C TYR E 24 -1.51 -17.35 8.75
N ALA E 25 -2.03 -17.50 7.53
CA ALA E 25 -2.29 -18.85 7.01
C ALA E 25 -1.00 -19.64 6.87
N LEU E 26 0.07 -18.98 6.40
CA LEU E 26 1.37 -19.64 6.32
C LEU E 26 1.85 -20.12 7.67
N LYS E 27 1.64 -19.30 8.70
CA LYS E 27 2.12 -19.65 10.05
C LYS E 27 1.40 -20.88 10.61
N VAL E 28 0.18 -21.15 10.15
CA VAL E 28 -0.55 -22.33 10.60
C VAL E 28 -0.57 -23.42 9.54
N ARG E 29 0.21 -23.25 8.47
CA ARG E 29 0.39 -24.28 7.42
C ARG E 29 -0.92 -24.63 6.74
N LYS E 30 -1.70 -23.62 6.40
CA LYS E 30 -2.95 -23.82 5.68
C LYS E 30 -2.89 -23.03 4.39
N VAL E 31 -3.30 -23.67 3.30
CA VAL E 31 -3.33 -23.06 1.97
C VAL E 31 -4.75 -23.17 1.41
N PHE E 32 -5.25 -22.07 0.86
CA PHE E 32 -6.61 -22.01 0.36
C PHE E 32 -6.59 -21.86 -1.16
N VAL E 33 -7.28 -22.78 -1.85
CA VAL E 33 -7.51 -22.72 -3.28
C VAL E 33 -9.00 -22.53 -3.48
N THR E 34 -9.44 -21.29 -3.60
CA THR E 34 -10.86 -20.93 -3.60
C THR E 34 -11.16 -20.20 -4.89
N GLY E 35 -12.20 -20.62 -5.60
CA GLY E 35 -12.58 -19.95 -6.82
C GLY E 35 -11.74 -20.41 -8.01
N GLY E 36 -11.78 -19.60 -9.06
CA GLY E 36 -11.08 -19.91 -10.28
C GLY E 36 -9.58 -19.98 -10.13
N VAL E 37 -8.98 -21.05 -10.65
CA VAL E 37 -7.54 -21.23 -10.61
C VAL E 37 -6.96 -20.45 -11.79
N ASP E 38 -6.28 -19.36 -11.49
CA ASP E 38 -5.60 -18.57 -12.51
C ASP E 38 -4.11 -18.45 -12.19
N GLU E 39 -3.37 -17.78 -13.06
CA GLU E 39 -1.92 -17.74 -12.88
C GLU E 39 -1.55 -17.03 -11.58
N LYS E 40 -2.31 -16.03 -11.20
CA LYS E 40 -2.04 -15.28 -9.97
C LYS E 40 -2.15 -16.19 -8.74
N MET E 41 -3.21 -17.00 -8.67
CA MET E 41 -3.34 -17.95 -7.59
C MET E 41 -2.23 -19.00 -7.63
N ALA E 42 -2.01 -19.60 -8.80
CA ALA E 42 -1.00 -20.66 -8.88
C ALA E 42 0.36 -20.15 -8.43
N LYS E 43 0.74 -18.94 -8.91
CA LYS E 43 2.00 -18.34 -8.52
C LYS E 43 2.09 -18.20 -7.00
N ASP E 44 1.03 -17.72 -6.35
CA ASP E 44 1.04 -17.57 -4.90
C ASP E 44 1.07 -18.94 -4.22
N VAL E 45 0.27 -19.88 -4.69
CA VAL E 45 0.17 -21.18 -4.01
C VAL E 45 1.49 -21.93 -4.07
N VAL E 46 2.14 -21.91 -5.24
CA VAL E 46 3.41 -22.62 -5.39
C VAL E 46 4.45 -22.09 -4.41
N GLN E 47 4.57 -20.76 -4.33
CA GLN E 47 5.53 -20.18 -3.38
C GLN E 47 5.19 -20.57 -1.95
N GLN E 48 3.90 -20.48 -1.59
CA GLN E 48 3.49 -20.87 -0.25
C GLN E 48 3.93 -22.28 0.07
N LEU E 49 3.70 -23.21 -0.87
CA LEU E 49 4.07 -24.61 -0.65
C LEU E 49 5.59 -24.76 -0.45
N HIS E 50 6.38 -24.08 -1.27
CA HIS E 50 7.83 -24.20 -1.14
C HIS E 50 8.32 -23.56 0.15
N ILE E 51 7.70 -22.43 0.54
CA ILE E 51 8.08 -21.79 1.79
C ILE E 51 7.79 -22.74 2.95
N LEU E 52 6.59 -23.29 2.98
CA LEU E 52 6.22 -24.19 4.06
C LEU E 52 7.12 -25.41 4.10
N ALA E 53 7.45 -25.94 2.94
CA ALA E 53 8.32 -27.12 2.92
C ALA E 53 9.71 -26.81 3.47
N SER E 54 10.23 -25.61 3.24
CA SER E 54 11.54 -25.27 3.79
C SER E 54 11.50 -25.09 5.30
N ILE E 55 10.36 -24.68 5.84
CA ILE E 55 10.23 -24.42 7.26
C ILE E 55 10.17 -25.72 8.04
N SER E 56 9.46 -26.72 7.53
CA SER E 56 9.32 -27.98 8.25
C SER E 56 8.78 -29.05 7.33
N ASP E 57 8.94 -30.29 7.76
CA ASP E 57 8.35 -31.43 7.07
C ASP E 57 6.94 -31.75 7.54
N ASP E 58 6.37 -30.91 8.43
CA ASP E 58 5.04 -31.18 8.97
C ASP E 58 3.98 -31.10 7.89
N PRO E 59 2.83 -31.75 8.09
CA PRO E 59 1.79 -31.71 7.07
C PRO E 59 1.35 -30.29 6.75
N ILE E 60 0.81 -30.15 5.55
CA ILE E 60 0.23 -28.91 5.06
C ILE E 60 -1.23 -29.19 4.73
N TYR E 61 -2.14 -28.34 5.20
CA TYR E 61 -3.56 -28.50 4.91
C TYR E 61 -3.94 -27.62 3.74
N MET E 62 -4.53 -28.22 2.72
CA MET E 62 -5.00 -27.48 1.54
C MET E 62 -6.51 -27.62 1.40
N PHE E 63 -7.19 -26.49 1.31
CA PHE E 63 -8.64 -26.45 1.20
C PHE E 63 -9.00 -26.05 -0.23
N VAL E 64 -9.70 -26.93 -0.94
CA VAL E 64 -10.02 -26.70 -2.35
C VAL E 64 -11.51 -26.57 -2.49
N ASN E 65 -11.95 -25.45 -3.07
CA ASN E 65 -13.34 -25.20 -3.46
C ASN E 65 -13.23 -24.33 -4.73
N SER E 66 -13.19 -25.01 -5.88
CA SER E 66 -12.90 -24.30 -7.14
C SER E 66 -13.68 -24.86 -8.31
N PRO E 67 -14.29 -24.01 -9.14
CA PRO E 67 -15.03 -24.52 -10.29
C PRO E 67 -14.17 -24.86 -11.49
N GLY E 68 -12.86 -24.61 -11.44
CA GLY E 68 -11.99 -24.88 -12.56
C GLY E 68 -10.98 -23.76 -12.72
N GLY E 69 -10.45 -23.61 -13.91
CA GLY E 69 -9.53 -22.55 -14.21
C GLY E 69 -8.54 -22.95 -15.26
N HIS E 70 -7.42 -22.23 -15.27
CA HIS E 70 -6.35 -22.48 -16.23
C HIS E 70 -5.69 -23.82 -15.91
N VAL E 71 -5.63 -24.72 -16.88
CA VAL E 71 -5.01 -26.02 -16.66
C VAL E 71 -3.51 -25.88 -16.38
N GLU E 72 -2.81 -24.99 -17.09
CA GLU E 72 -1.40 -24.80 -16.78
C GLU E 72 -1.24 -24.31 -15.35
N SER E 73 -2.22 -23.56 -14.84
CA SER E 73 -2.17 -23.12 -13.45
C SER E 73 -2.48 -24.27 -12.50
N GLY E 74 -3.47 -25.10 -12.85
CA GLY E 74 -3.67 -26.32 -12.10
C GLY E 74 -2.45 -27.24 -12.12
N ASP E 75 -1.79 -27.34 -13.28
CA ASP E 75 -0.63 -28.20 -13.41
C ASP E 75 0.50 -27.75 -12.51
N MET E 76 0.72 -26.43 -12.44
CA MET E 76 1.76 -25.89 -11.58
C MET E 76 1.56 -26.27 -10.12
N ILE E 77 0.31 -26.17 -9.63
CA ILE E 77 0.03 -26.50 -8.25
C ILE E 77 0.19 -28.01 -8.02
N PHE E 78 -0.37 -28.82 -8.94
CA PHE E 78 -0.19 -30.27 -8.91
C PHE E 78 1.30 -30.63 -8.80
N ASP E 79 2.12 -30.04 -9.66
CA ASP E 79 3.55 -30.37 -9.67
C ASP E 79 4.22 -29.96 -8.37
N ALA E 80 3.84 -28.80 -7.81
CA ALA E 80 4.46 -28.37 -6.55
C ALA E 80 4.07 -29.29 -5.40
N ILE E 81 2.81 -29.70 -5.35
CA ILE E 81 2.39 -30.65 -4.32
C ILE E 81 3.23 -31.92 -4.41
N ARG E 82 3.40 -32.46 -5.63
CA ARG E 82 4.16 -33.70 -5.78
C ARG E 82 5.64 -33.48 -5.46
N PHE E 83 6.14 -32.26 -5.71
CA PHE E 83 7.57 -32.02 -5.59
C PHE E 83 8.03 -31.94 -4.14
N ILE E 84 7.27 -31.25 -3.28
CA ILE E 84 7.72 -30.97 -1.92
C ILE E 84 7.63 -32.23 -1.05
N THR E 85 8.38 -32.22 0.05
CA THR E 85 8.45 -33.37 0.93
C THR E 85 7.22 -33.48 1.84
N PRO E 86 6.73 -32.39 2.43
CA PRO E 86 5.56 -32.50 3.31
C PRO E 86 4.35 -33.10 2.60
N LYS E 87 3.61 -33.91 3.32
CA LYS E 87 2.32 -34.40 2.82
C LYS E 87 1.30 -33.27 2.88
N VAL E 88 0.53 -33.14 1.80
CA VAL E 88 -0.56 -32.20 1.70
C VAL E 88 -1.85 -32.93 2.06
N ILE E 89 -2.55 -32.43 3.07
CA ILE E 89 -3.85 -32.95 3.48
C ILE E 89 -4.88 -32.16 2.69
N MET E 90 -5.66 -32.86 1.88
CA MET E 90 -6.53 -32.25 0.89
C MET E 90 -7.97 -32.32 1.38
N ILE E 91 -8.60 -31.16 1.55
CA ILE E 91 -9.98 -31.07 1.99
C ILE E 91 -10.77 -30.41 0.88
N GLY E 92 -11.65 -31.17 0.24
CA GLY E 92 -12.51 -30.66 -0.82
C GLY E 92 -13.87 -30.29 -0.27
N SER E 93 -14.41 -29.18 -0.76
CA SER E 93 -15.74 -28.72 -0.37
C SER E 93 -16.35 -27.96 -1.54
N GLY E 94 -17.69 -27.92 -1.58
CA GLY E 94 -18.42 -27.20 -2.60
C GLY E 94 -18.31 -27.90 -3.94
N SER E 95 -17.60 -27.29 -4.89
CA SER E 95 -17.33 -27.88 -6.19
C SER E 95 -15.82 -28.05 -6.33
N VAL E 96 -15.39 -29.21 -6.80
CA VAL E 96 -13.99 -29.49 -7.10
C VAL E 96 -13.97 -29.95 -8.56
N ALA E 97 -13.75 -29.00 -9.48
CA ALA E 97 -13.97 -29.24 -10.90
C ALA E 97 -12.73 -28.88 -11.71
N SER E 98 -12.46 -29.69 -12.75
CA SER E 98 -11.41 -29.41 -13.73
C SER E 98 -10.08 -29.16 -13.02
N ALA E 99 -9.52 -27.96 -13.21
CA ALA E 99 -8.22 -27.67 -12.62
C ALA E 99 -8.24 -27.92 -11.12
N GLY E 100 -9.37 -27.67 -10.46
CA GLY E 100 -9.46 -27.96 -9.03
C GLY E 100 -9.38 -29.45 -8.73
N ALA E 101 -9.96 -30.28 -9.59
CA ALA E 101 -9.88 -31.72 -9.40
C ALA E 101 -8.48 -32.24 -9.68
N LEU E 102 -7.80 -31.65 -10.66
CA LEU E 102 -6.40 -32.04 -10.91
C LEU E 102 -5.56 -31.74 -9.67
N ILE E 103 -5.74 -30.56 -9.09
CA ILE E 103 -5.03 -30.21 -7.85
C ILE E 103 -5.37 -31.22 -6.77
N TYR E 104 -6.67 -31.49 -6.57
CA TYR E 104 -7.12 -32.42 -5.54
C TYR E 104 -6.41 -33.77 -5.67
N ALA E 105 -6.27 -34.27 -6.90
CA ALA E 105 -5.66 -35.58 -7.14
C ALA E 105 -4.15 -35.61 -6.88
N ALA E 106 -3.50 -34.47 -6.66
CA ALA E 106 -2.06 -34.52 -6.41
C ALA E 106 -1.74 -35.15 -5.06
N ALA E 107 -2.64 -35.04 -4.09
CA ALA E 107 -2.41 -35.56 -2.76
C ALA E 107 -2.51 -37.07 -2.75
N ASP E 108 -1.80 -37.70 -1.81
CA ASP E 108 -1.93 -39.14 -1.62
C ASP E 108 -3.37 -39.49 -1.26
N LYS E 109 -3.80 -40.67 -1.73
CA LYS E 109 -5.17 -41.13 -1.53
C LYS E 109 -5.61 -41.06 -0.07
N GLU E 110 -4.77 -41.55 0.85
CA GLU E 110 -5.13 -41.57 2.26
C GLU E 110 -5.33 -40.18 2.84
N ASN E 111 -4.90 -39.14 2.13
CA ASN E 111 -5.00 -37.78 2.62
C ASN E 111 -6.05 -36.95 1.88
N ARG E 112 -6.94 -37.61 1.13
CA ARG E 112 -7.96 -36.91 0.35
C ARG E 112 -9.32 -37.02 1.04
N TYR E 113 -9.77 -35.91 1.60
CA TYR E 113 -11.04 -35.83 2.28
C TYR E 113 -12.03 -34.97 1.51
N SER E 114 -13.31 -35.18 1.81
CA SER E 114 -14.36 -34.40 1.19
C SER E 114 -15.46 -34.16 2.22
N LEU E 115 -16.09 -33.00 2.12
CA LEU E 115 -17.34 -32.78 2.85
C LEU E 115 -18.46 -33.52 2.14
N PRO E 116 -19.57 -33.78 2.84
CA PRO E 116 -20.65 -34.59 2.24
C PRO E 116 -21.26 -33.99 0.97
N ASN E 117 -21.31 -32.67 0.86
CA ASN E 117 -21.99 -32.00 -0.25
C ASN E 117 -21.06 -31.71 -1.45
N THR E 118 -19.79 -32.06 -1.38
CA THR E 118 -18.87 -31.73 -2.46
C THR E 118 -19.22 -32.52 -3.72
N ARG E 119 -19.14 -31.86 -4.88
CA ARG E 119 -19.32 -32.52 -6.16
C ARG E 119 -18.00 -32.41 -6.93
N PHE E 120 -17.61 -33.48 -7.61
CA PHE E 120 -16.32 -33.55 -8.29
C PHE E 120 -16.50 -33.74 -9.79
N LEU E 121 -15.75 -32.96 -10.58
CA LEU E 121 -15.75 -33.07 -12.04
C LEU E 121 -14.31 -33.28 -12.48
N LEU E 122 -14.03 -34.43 -13.08
CA LEU E 122 -12.67 -34.73 -13.50
C LEU E 122 -12.36 -34.26 -14.91
N HIS E 123 -13.37 -34.01 -15.72
CA HIS E 123 -13.12 -33.61 -17.10
C HIS E 123 -12.35 -32.30 -17.12
N GLN E 124 -11.34 -32.23 -17.94
CA GLN E 124 -10.57 -31.01 -18.15
C GLN E 124 -10.96 -30.38 -19.48
N PRO E 125 -11.31 -29.09 -19.55
CA PRO E 125 -11.58 -28.49 -20.86
C PRO E 125 -10.35 -28.52 -21.75
N SER E 126 -10.58 -28.74 -23.05
CA SER E 126 -9.47 -28.94 -23.98
C SER E 126 -8.73 -27.65 -24.27
N GLY E 127 -9.39 -26.50 -24.16
CA GLY E 127 -8.74 -25.23 -24.41
C GLY E 127 -8.71 -24.86 -25.88
N GLY E 128 -8.21 -23.66 -26.14
CA GLY E 128 -8.15 -23.10 -27.47
C GLY E 128 -6.75 -23.11 -28.03
N ILE E 129 -6.66 -23.21 -29.36
CA ILE E 129 -5.39 -23.16 -30.07
C ILE E 129 -5.15 -21.72 -30.51
N GLN E 130 -3.88 -21.33 -30.59
CA GLN E 130 -3.54 -20.00 -31.09
C GLN E 130 -2.07 -19.99 -31.49
N GLY E 131 -1.80 -19.43 -32.67
CA GLY E 131 -0.45 -19.35 -33.17
C GLY E 131 -0.40 -19.63 -34.66
N PRO E 132 0.81 -19.68 -35.22
CA PRO E 132 0.93 -19.90 -36.66
C PRO E 132 0.33 -21.24 -37.08
N ALA E 133 -0.05 -21.31 -38.35
CA ALA E 133 -0.45 -22.60 -38.94
C ALA E 133 0.73 -23.49 -39.33
N SER E 134 1.89 -22.88 -39.58
CA SER E 134 3.14 -23.60 -39.74
C SER E 134 3.22 -24.76 -38.74
N ASN E 135 3.02 -24.46 -37.45
CA ASN E 135 3.16 -25.43 -36.37
C ASN E 135 1.85 -26.08 -35.96
N ILE E 136 0.99 -26.52 -36.88
CA ILE E 136 -0.22 -27.20 -36.43
C ILE E 136 0.11 -28.61 -35.90
N GLU E 137 1.10 -29.29 -36.50
CA GLU E 137 1.49 -30.61 -36.02
C GLU E 137 1.94 -30.54 -34.57
N ILE E 138 2.60 -29.42 -34.22
CA ILE E 138 3.07 -29.23 -32.85
C ILE E 138 1.86 -29.13 -31.92
N TYR E 139 0.83 -28.42 -32.38
CA TYR E 139 -0.39 -28.30 -31.60
C TYR E 139 -1.11 -29.63 -31.43
N ARG E 140 -1.15 -30.44 -32.50
CA ARG E 140 -1.79 -31.75 -32.41
C ARG E 140 -1.18 -32.60 -31.32
N ARG E 141 0.15 -32.79 -31.34
CA ARG E 141 0.76 -33.69 -30.36
C ARG E 141 0.62 -33.20 -28.94
N GLU E 142 0.56 -31.88 -28.72
CA GLU E 142 0.36 -31.38 -27.36
C GLU E 142 -1.04 -31.71 -26.88
N ILE E 143 -2.03 -31.68 -27.78
CA ILE E 143 -3.40 -32.04 -27.38
C ILE E 143 -3.44 -33.51 -26.97
N VAL E 144 -2.87 -34.39 -27.80
CA VAL E 144 -2.85 -35.80 -27.46
C VAL E 144 -2.07 -36.05 -26.17
N ARG E 145 -0.89 -35.45 -26.06
CA ARG E 145 -0.06 -35.67 -24.89
C ARG E 145 -0.77 -35.27 -23.62
N MET E 146 -1.45 -34.14 -23.66
CA MET E 146 -2.07 -33.64 -22.44
C MET E 146 -3.21 -34.56 -21.99
N LYS E 147 -4.04 -34.98 -22.91
CA LYS E 147 -5.13 -35.88 -22.56
C LYS E 147 -4.58 -37.18 -21.99
N GLU E 148 -3.52 -37.71 -22.59
CA GLU E 148 -2.94 -38.94 -22.07
C GLU E 148 -2.33 -38.75 -20.69
N ARG E 149 -1.68 -37.61 -20.45
CA ARG E 149 -1.16 -37.34 -19.11
C ARG E 149 -2.28 -37.28 -18.08
N LEU E 150 -3.37 -36.59 -18.41
CA LEU E 150 -4.46 -36.41 -17.45
C LEU E 150 -5.13 -37.74 -17.15
N ASP E 151 -5.34 -38.56 -18.19
CA ASP E 151 -5.90 -39.89 -17.97
C ASP E 151 -5.04 -40.71 -17.01
N ARG E 152 -3.72 -40.67 -17.17
CA ARG E 152 -2.87 -41.48 -16.29
C ARG E 152 -2.88 -40.93 -14.87
N ILE E 153 -2.87 -39.60 -14.73
CA ILE E 153 -2.91 -38.98 -13.40
C ILE E 153 -4.15 -39.45 -12.64
N PHE E 154 -5.33 -39.34 -13.26
CA PHE E 154 -6.56 -39.71 -12.56
C PHE E 154 -6.69 -41.21 -12.44
N ALA E 155 -6.17 -41.98 -13.40
CA ALA E 155 -6.15 -43.43 -13.24
C ALA E 155 -5.32 -43.82 -12.03
N GLU E 156 -4.11 -43.29 -11.93
CA GLU E 156 -3.27 -43.61 -10.78
C GLU E 156 -3.88 -43.09 -9.49
N ALA E 157 -4.58 -41.96 -9.53
CA ALA E 157 -5.14 -41.39 -8.30
C ALA E 157 -6.34 -42.18 -7.81
N THR E 158 -7.11 -42.79 -8.71
CA THR E 158 -8.36 -43.46 -8.36
C THR E 158 -8.26 -44.98 -8.32
N GLY E 159 -7.26 -45.57 -8.98
CA GLY E 159 -7.22 -47.01 -9.16
C GLY E 159 -7.97 -47.52 -10.37
N GLN E 160 -8.59 -46.64 -11.14
CA GLN E 160 -9.22 -47.03 -12.38
C GLN E 160 -8.17 -47.16 -13.49
N THR E 161 -8.58 -47.81 -14.60
CA THR E 161 -7.72 -47.89 -15.76
C THR E 161 -7.75 -46.56 -16.51
N PRO E 162 -6.69 -46.25 -17.27
CA PRO E 162 -6.75 -45.06 -18.14
C PRO E 162 -7.90 -45.10 -19.13
N GLU E 163 -8.23 -46.29 -19.64
CA GLU E 163 -9.33 -46.39 -20.60
C GLU E 163 -10.66 -46.05 -19.93
N LYS E 164 -10.86 -46.55 -18.70
CA LYS E 164 -12.08 -46.25 -17.95
C LYS E 164 -12.15 -44.75 -17.66
N ILE E 165 -11.04 -44.16 -17.21
CA ILE E 165 -10.98 -42.73 -16.99
C ILE E 165 -11.35 -41.97 -18.26
N SER E 166 -10.71 -42.33 -19.38
CA SER E 166 -10.95 -41.66 -20.63
C SER E 166 -12.40 -41.80 -21.07
N ALA E 167 -12.96 -43.00 -20.90
CA ALA E 167 -14.34 -43.24 -21.27
C ALA E 167 -15.30 -42.49 -20.34
N ASP E 168 -15.01 -42.48 -19.04
CA ASP E 168 -15.94 -41.89 -18.08
C ASP E 168 -15.95 -40.38 -18.14
N THR E 169 -14.82 -39.78 -18.53
CA THR E 169 -14.59 -38.36 -18.36
C THR E 169 -15.24 -37.60 -19.52
N GLU E 170 -16.44 -37.08 -19.29
CA GLU E 170 -17.10 -36.18 -20.21
C GLU E 170 -17.43 -34.87 -19.49
N ARG E 171 -17.94 -33.91 -20.28
CA ARG E 171 -18.18 -32.55 -19.82
C ARG E 171 -19.24 -32.51 -18.75
N ASP E 172 -20.05 -33.57 -18.61
CA ASP E 172 -21.13 -33.60 -17.62
C ASP E 172 -21.09 -34.84 -16.73
N PHE E 173 -19.92 -35.39 -16.50
CA PHE E 173 -19.78 -36.56 -15.64
C PHE E 173 -19.34 -36.09 -14.26
N TRP E 174 -20.31 -35.85 -13.39
CA TRP E 174 -20.08 -35.37 -12.04
C TRP E 174 -20.19 -36.53 -11.05
N LEU E 175 -19.43 -36.45 -9.98
CA LEU E 175 -19.47 -37.43 -8.89
C LEU E 175 -19.79 -36.69 -7.61
N ASN E 176 -20.81 -37.16 -6.87
CA ASN E 176 -21.02 -36.67 -5.53
C ASN E 176 -20.01 -37.33 -4.58
N ALA E 177 -20.02 -36.91 -3.32
CA ALA E 177 -18.97 -37.34 -2.40
C ALA E 177 -18.95 -38.86 -2.26
N GLU E 178 -20.12 -39.48 -2.12
CA GLU E 178 -20.16 -40.93 -1.98
C GLU E 178 -19.75 -41.63 -3.28
N GLU E 179 -20.16 -41.09 -4.42
CA GLU E 179 -19.72 -41.66 -5.69
C GLU E 179 -18.21 -41.49 -5.85
N ALA E 180 -17.67 -40.35 -5.39
CA ALA E 180 -16.23 -40.14 -5.48
C ALA E 180 -15.46 -41.09 -4.58
N VAL E 181 -16.03 -41.50 -3.45
CA VAL E 181 -15.38 -42.52 -2.61
C VAL E 181 -15.34 -43.85 -3.35
N GLN E 182 -16.47 -44.30 -3.90
CA GLN E 182 -16.50 -45.56 -4.62
C GLN E 182 -15.60 -45.52 -5.85
N TYR E 183 -15.52 -44.36 -6.51
CA TYR E 183 -14.70 -44.25 -7.72
C TYR E 183 -13.21 -44.31 -7.40
N GLY E 184 -12.83 -44.11 -6.14
CA GLY E 184 -11.43 -44.09 -5.75
C GLY E 184 -10.80 -42.72 -5.62
N LEU E 185 -11.56 -41.65 -5.86
CA LEU E 185 -10.99 -40.31 -5.81
C LEU E 185 -10.86 -39.80 -4.39
N VAL E 186 -11.86 -40.09 -3.56
CA VAL E 186 -11.93 -39.58 -2.18
C VAL E 186 -11.72 -40.73 -1.23
N ASN E 187 -10.90 -40.50 -0.20
CA ASN E 187 -10.71 -41.55 0.79
C ASN E 187 -11.82 -41.52 1.85
N LYS E 188 -12.18 -40.35 2.35
CA LYS E 188 -13.09 -40.30 3.50
C LYS E 188 -13.92 -39.03 3.45
N ILE E 189 -15.21 -39.18 3.72
CA ILE E 189 -16.14 -38.07 3.83
C ILE E 189 -16.19 -37.63 5.29
N ILE E 190 -16.01 -36.32 5.53
CA ILE E 190 -15.94 -35.78 6.87
C ILE E 190 -16.68 -34.45 6.95
N VAL E 191 -17.05 -34.07 8.16
CA VAL E 191 -17.60 -32.75 8.44
C VAL E 191 -16.74 -31.96 9.43
N SER E 192 -15.83 -32.61 10.15
CA SER E 192 -15.05 -31.97 11.19
C SER E 192 -13.56 -32.25 10.96
N GLU E 193 -12.73 -31.26 11.26
CA GLU E 193 -11.29 -31.44 11.16
C GLU E 193 -10.80 -32.55 12.08
N ARG E 194 -11.55 -32.88 13.13
CA ARG E 194 -11.18 -33.96 14.04
C ARG E 194 -11.23 -35.31 13.37
N GLU E 195 -11.91 -35.43 12.24
CA GLU E 195 -12.00 -36.70 11.55
C GLU E 195 -10.80 -36.98 10.65
N ILE E 196 -9.87 -36.03 10.55
CA ILE E 196 -8.66 -36.23 9.76
C ILE E 196 -7.72 -37.14 10.52
N THR E 197 -7.12 -38.09 9.81
CA THR E 197 -6.09 -38.96 10.35
C THR E 197 -4.77 -38.67 9.63
N LEU E 198 -3.78 -38.18 10.38
CA LEU E 198 -2.48 -37.87 9.79
C LEU E 198 -1.71 -39.15 9.45
N PRO E 199 -0.88 -39.12 8.39
CA PRO E 199 -0.14 -40.33 8.00
C PRO E 199 0.87 -40.79 9.05
N HIS F 14 2.79 8.61 -1.98
CA HIS F 14 3.20 9.56 -0.94
C HIS F 14 2.57 9.23 0.40
N GLY F 15 1.63 8.28 0.41
CA GLY F 15 0.99 7.92 1.66
C GLY F 15 1.98 7.42 2.70
N ALA F 16 2.91 6.55 2.30
CA ALA F 16 3.87 6.00 3.24
C ALA F 16 4.77 7.09 3.81
N ILE F 17 5.19 8.04 2.97
CA ILE F 17 6.02 9.14 3.48
C ILE F 17 5.24 9.97 4.49
N GLY F 18 4.05 10.42 4.11
CA GLY F 18 3.27 11.22 5.02
C GLY F 18 2.98 10.51 6.33
N ALA F 19 2.72 9.20 6.28
CA ALA F 19 2.45 8.46 7.50
C ALA F 19 3.68 8.38 8.40
N LYS F 20 4.87 8.13 7.81
CA LYS F 20 6.06 8.08 8.65
C LYS F 20 6.35 9.45 9.29
N LEU F 21 6.21 10.54 8.51
CA LEU F 21 6.42 11.86 9.08
C LEU F 21 5.38 12.19 10.15
N MET F 22 4.12 11.80 9.91
CA MET F 22 3.07 11.95 10.94
C MET F 22 3.50 11.31 12.25
N GLU F 23 3.99 10.08 12.19
CA GLU F 23 4.42 9.39 13.40
C GLU F 23 5.51 10.16 14.11
N TYR F 24 6.52 10.63 13.37
CA TYR F 24 7.58 11.40 13.99
C TYR F 24 7.06 12.73 14.52
N ALA F 25 6.18 13.39 13.76
CA ALA F 25 5.66 14.68 14.19
C ALA F 25 4.90 14.54 15.50
N LEU F 26 4.09 13.48 15.62
CA LEU F 26 3.38 13.21 16.88
C LEU F 26 4.35 13.05 18.03
N LYS F 27 5.46 12.34 17.81
CA LYS F 27 6.41 12.11 18.88
C LYS F 27 7.05 13.39 19.39
N VAL F 28 7.15 14.42 18.54
CA VAL F 28 7.74 15.69 18.97
C VAL F 28 6.67 16.77 19.19
N ARG F 29 5.39 16.38 19.20
CA ARG F 29 4.27 17.25 19.54
C ARG F 29 4.19 18.47 18.63
N LYS F 30 4.33 18.23 17.34
CA LYS F 30 4.22 19.30 16.34
C LYS F 30 3.14 18.93 15.35
N VAL F 31 2.29 19.92 15.04
CA VAL F 31 1.19 19.78 14.10
C VAL F 31 1.34 20.86 13.03
N PHE F 32 1.13 20.49 11.78
CA PHE F 32 1.31 21.40 10.65
C PHE F 32 -0.02 21.63 9.96
N VAL F 33 -0.36 22.90 9.78
CA VAL F 33 -1.55 23.31 9.04
C VAL F 33 -1.08 24.11 7.83
N THR F 34 -0.93 23.42 6.70
CA THR F 34 -0.29 23.94 5.50
C THR F 34 -1.24 23.85 4.32
N GLY F 35 -1.42 24.96 3.61
CA GLY F 35 -2.25 24.97 2.42
C GLY F 35 -3.72 25.13 2.76
N GLY F 36 -4.56 24.84 1.78
CA GLY F 36 -6.00 24.99 1.92
C GLY F 36 -6.55 24.10 3.01
N VAL F 37 -7.38 24.66 3.87
CA VAL F 37 -7.98 23.93 4.97
C VAL F 37 -9.20 23.19 4.42
N ASP F 38 -9.12 21.86 4.34
CA ASP F 38 -10.20 21.06 3.80
C ASP F 38 -10.59 19.97 4.80
N GLU F 39 -11.62 19.21 4.44
CA GLU F 39 -12.14 18.19 5.36
C GLU F 39 -11.06 17.17 5.73
N LYS F 40 -10.21 16.80 4.77
CA LYS F 40 -9.17 15.80 5.06
C LYS F 40 -8.15 16.35 6.06
N MET F 41 -7.74 17.61 5.90
CA MET F 41 -6.81 18.18 6.86
C MET F 41 -7.43 18.23 8.25
N ALA F 42 -8.67 18.71 8.32
CA ALA F 42 -9.33 18.85 9.62
C ALA F 42 -9.45 17.49 10.30
N LYS F 43 -9.86 16.45 9.57
CA LYS F 43 -9.94 15.14 10.19
C LYS F 43 -8.61 14.74 10.81
N ASP F 44 -7.52 14.90 10.04
CA ASP F 44 -6.21 14.49 10.53
C ASP F 44 -5.77 15.34 11.71
N VAL F 45 -5.92 16.66 11.60
CA VAL F 45 -5.43 17.55 12.66
C VAL F 45 -6.19 17.32 13.95
N VAL F 46 -7.52 17.17 13.85
CA VAL F 46 -8.31 16.96 15.06
C VAL F 46 -7.86 15.70 15.79
N GLN F 47 -7.66 14.61 15.05
CA GLN F 47 -7.19 13.38 15.68
C GLN F 47 -5.81 13.54 16.31
N GLN F 48 -4.88 14.17 15.59
CA GLN F 48 -3.56 14.41 16.16
C GLN F 48 -3.66 15.18 17.48
N LEU F 49 -4.44 16.25 17.50
CA LEU F 49 -4.56 17.02 18.74
C LEU F 49 -5.08 16.17 19.89
N HIS F 50 -6.11 15.35 19.63
CA HIS F 50 -6.69 14.51 20.68
C HIS F 50 -5.72 13.42 21.12
N ILE F 51 -4.98 12.84 20.17
CA ILE F 51 -3.98 11.84 20.53
C ILE F 51 -2.92 12.47 21.42
N LEU F 52 -2.39 13.63 21.01
CA LEU F 52 -1.38 14.31 21.82
C LEU F 52 -1.91 14.68 23.19
N ALA F 53 -3.16 15.14 23.27
CA ALA F 53 -3.75 15.48 24.56
C ALA F 53 -3.87 14.27 25.48
N SER F 54 -4.18 13.11 24.91
CA SER F 54 -4.27 11.91 25.75
C SER F 54 -2.90 11.45 26.22
N ILE F 55 -1.86 11.75 25.45
CA ILE F 55 -0.52 11.31 25.81
C ILE F 55 0.04 12.15 26.94
N SER F 56 -0.16 13.46 26.90
CA SER F 56 0.33 14.30 27.98
C SER F 56 -0.31 15.68 27.90
N ASP F 57 -0.15 16.44 28.98
CA ASP F 57 -0.59 17.82 29.03
C ASP F 57 0.47 18.82 28.55
N ASP F 58 1.60 18.34 28.03
CA ASP F 58 2.68 19.22 27.59
C ASP F 58 2.22 20.06 26.39
N PRO F 59 2.84 21.21 26.17
CA PRO F 59 2.42 22.06 25.04
C PRO F 59 2.53 21.36 23.70
N ILE F 60 1.73 21.85 22.75
CA ILE F 60 1.70 21.39 21.37
C ILE F 60 2.04 22.58 20.49
N TYR F 61 2.96 22.38 19.55
CA TYR F 61 3.37 23.42 18.61
C TYR F 61 2.60 23.23 17.31
N MET F 62 1.90 24.27 16.88
CA MET F 62 1.15 24.25 15.64
C MET F 62 1.70 25.32 14.71
N PHE F 63 2.08 24.92 13.49
CA PHE F 63 2.63 25.80 12.47
C PHE F 63 1.58 26.02 11.41
N VAL F 64 1.16 27.27 11.21
CA VAL F 64 0.05 27.60 10.33
C VAL F 64 0.55 28.47 9.20
N ASN F 65 0.30 28.01 7.96
CA ASN F 65 0.55 28.77 6.72
C ASN F 65 -0.52 28.34 5.71
N SER F 66 -1.63 29.07 5.69
CA SER F 66 -2.80 28.68 4.90
C SER F 66 -3.57 29.83 4.28
N PRO F 67 -3.95 29.72 3.01
CA PRO F 67 -4.73 30.80 2.39
C PRO F 67 -6.22 30.77 2.69
N GLY F 68 -6.73 29.75 3.34
CA GLY F 68 -8.14 29.64 3.63
C GLY F 68 -8.61 28.22 3.45
N GLY F 69 -9.91 28.07 3.25
CA GLY F 69 -10.51 26.77 3.00
C GLY F 69 -11.93 26.73 3.52
N HIS F 70 -12.43 25.50 3.70
CA HIS F 70 -13.80 25.31 4.16
C HIS F 70 -13.91 25.64 5.64
N VAL F 71 -14.87 26.50 5.97
CA VAL F 71 -15.00 26.99 7.34
C VAL F 71 -15.37 25.87 8.30
N GLU F 72 -16.16 24.87 7.84
CA GLU F 72 -16.47 23.78 8.76
C GLU F 72 -15.19 23.10 9.20
N SER F 73 -14.17 23.08 8.31
CA SER F 73 -12.90 22.44 8.66
C SER F 73 -12.09 23.31 9.58
N GLY F 74 -12.04 24.62 9.31
CA GLY F 74 -11.40 25.53 10.26
C GLY F 74 -12.06 25.50 11.62
N ASP F 75 -13.39 25.46 11.63
CA ASP F 75 -14.15 25.40 12.89
C ASP F 75 -13.83 24.14 13.68
N MET F 76 -13.75 23.01 12.99
CA MET F 76 -13.42 21.76 13.67
C MET F 76 -12.07 21.84 14.36
N ILE F 77 -11.07 22.40 13.69
CA ILE F 77 -9.76 22.52 14.29
C ILE F 77 -9.79 23.52 15.44
N PHE F 78 -10.43 24.67 15.22
CA PHE F 78 -10.63 25.65 16.30
C PHE F 78 -11.28 25.00 17.51
N ASP F 79 -12.36 24.27 17.30
CA ASP F 79 -13.07 23.64 18.42
C ASP F 79 -12.17 22.66 19.16
N ALA F 80 -11.36 21.88 18.41
CA ALA F 80 -10.49 20.90 19.05
C ALA F 80 -9.39 21.57 19.85
N ILE F 81 -8.79 22.64 19.30
CA ILE F 81 -7.78 23.37 20.06
C ILE F 81 -8.34 23.83 21.39
N ARG F 82 -9.55 24.40 21.37
CA ARG F 82 -10.17 24.90 22.60
C ARG F 82 -10.54 23.78 23.55
N PHE F 83 -10.90 22.62 23.01
CA PHE F 83 -11.43 21.52 23.82
C PHE F 83 -10.33 20.84 24.63
N ILE F 84 -9.14 20.61 24.02
CA ILE F 84 -8.12 19.81 24.69
C ILE F 84 -7.43 20.62 25.79
N THR F 85 -6.81 19.90 26.71
CA THR F 85 -6.14 20.52 27.84
C THR F 85 -4.78 21.13 27.50
N PRO F 86 -3.94 20.50 26.68
CA PRO F 86 -2.63 21.11 26.38
C PRO F 86 -2.79 22.47 25.71
N LYS F 87 -1.96 23.42 26.10
CA LYS F 87 -1.92 24.69 25.39
C LYS F 87 -1.23 24.51 24.04
N VAL F 88 -1.82 25.10 23.00
CA VAL F 88 -1.27 25.07 21.66
C VAL F 88 -0.47 26.35 21.44
N ILE F 89 0.80 26.19 21.09
CA ILE F 89 1.69 27.29 20.75
C ILE F 89 1.60 27.50 19.24
N MET F 90 1.16 28.68 18.84
CA MET F 90 0.78 28.97 17.45
C MET F 90 1.89 29.79 16.81
N ILE F 91 2.47 29.26 15.72
CA ILE F 91 3.49 29.96 14.95
C ILE F 91 2.96 30.16 13.55
N GLY F 92 2.70 31.42 13.18
CA GLY F 92 2.17 31.75 11.87
C GLY F 92 3.29 32.23 10.92
N SER F 93 3.25 31.74 9.69
CA SER F 93 4.19 32.14 8.67
C SER F 93 3.43 32.31 7.35
N GLY F 94 4.03 33.07 6.45
CA GLY F 94 3.52 33.24 5.10
C GLY F 94 2.21 34.00 5.06
N SER F 95 1.12 33.34 4.67
CA SER F 95 -0.22 33.92 4.71
C SER F 95 -1.07 33.13 5.69
N VAL F 96 -1.77 33.84 6.55
CA VAL F 96 -2.70 33.23 7.52
C VAL F 96 -4.04 33.91 7.26
N ALA F 97 -4.85 33.30 6.40
CA ALA F 97 -6.05 33.94 5.87
C ALA F 97 -7.28 33.08 6.10
N SER F 98 -8.40 33.75 6.39
CA SER F 98 -9.71 33.10 6.46
C SER F 98 -9.68 31.92 7.41
N ALA F 99 -9.95 30.71 6.91
CA ALA F 99 -9.99 29.55 7.80
C ALA F 99 -8.69 29.41 8.57
N GLY F 100 -7.57 29.74 7.94
CA GLY F 100 -6.29 29.67 8.65
C GLY F 100 -6.18 30.65 9.79
N ALA F 101 -6.75 31.84 9.63
CA ALA F 101 -6.76 32.83 10.70
C ALA F 101 -7.70 32.42 11.82
N LEU F 102 -8.80 31.73 11.47
CA LEU F 102 -9.70 31.21 12.51
C LEU F 102 -8.97 30.21 13.40
N ILE F 103 -8.23 29.29 12.77
CA ILE F 103 -7.43 28.34 13.53
C ILE F 103 -6.42 29.07 14.41
N TYR F 104 -5.66 30.00 13.83
CA TYR F 104 -4.65 30.75 14.56
C TYR F 104 -5.23 31.41 15.80
N ALA F 105 -6.42 32.00 15.67
CA ALA F 105 -7.04 32.69 16.77
C ALA F 105 -7.49 31.76 17.89
N ALA F 106 -7.47 30.43 17.68
CA ALA F 106 -7.94 29.54 18.74
C ALA F 106 -7.00 29.50 19.93
N ALA F 107 -5.71 29.74 19.71
CA ALA F 107 -4.72 29.72 20.76
C ALA F 107 -4.84 30.97 21.63
N ASP F 108 -4.39 30.84 22.88
CA ASP F 108 -4.32 31.98 23.76
C ASP F 108 -3.40 33.05 23.18
N LYS F 109 -3.76 34.31 23.43
CA LYS F 109 -2.99 35.44 22.92
C LYS F 109 -1.51 35.32 23.23
N GLU F 110 -1.17 34.98 24.46
CA GLU F 110 0.23 34.93 24.86
C GLU F 110 0.99 33.85 24.09
N ASN F 111 0.30 32.93 23.41
CA ASN F 111 0.94 31.83 22.71
C ASN F 111 0.87 32.00 21.19
N ARG F 112 0.57 33.19 20.70
CA ARG F 112 0.45 33.47 19.26
C ARG F 112 1.68 34.23 18.77
N TYR F 113 2.51 33.55 18.00
CA TYR F 113 3.71 34.12 17.42
C TYR F 113 3.57 34.21 15.91
N SER F 114 4.40 35.07 15.33
CA SER F 114 4.44 35.29 13.90
C SER F 114 5.87 35.53 13.44
N LEU F 115 6.16 35.09 12.22
CA LEU F 115 7.37 35.49 11.52
C LEU F 115 7.21 36.91 10.98
N PRO F 116 8.33 37.59 10.65
CA PRO F 116 8.24 39.01 10.22
C PRO F 116 7.44 39.20 8.94
N ASN F 117 7.45 38.24 8.03
CA ASN F 117 6.81 38.43 6.72
C ASN F 117 5.36 37.99 6.68
N THR F 118 4.82 37.51 7.79
CA THR F 118 3.47 36.95 7.77
C THR F 118 2.43 38.04 7.56
N ARG F 119 1.42 37.72 6.75
CA ARG F 119 0.26 38.56 6.48
C ARG F 119 -1.00 37.84 6.97
N PHE F 120 -1.88 38.58 7.64
CA PHE F 120 -3.06 37.98 8.24
C PHE F 120 -4.33 38.57 7.62
N LEU F 121 -5.28 37.71 7.28
CA LEU F 121 -6.57 38.12 6.73
C LEU F 121 -7.63 37.50 7.62
N LEU F 122 -8.39 38.34 8.32
CA LEU F 122 -9.42 37.80 9.19
C LEU F 122 -10.74 37.58 8.47
N HIS F 123 -10.94 38.24 7.33
CA HIS F 123 -12.18 38.09 6.61
C HIS F 123 -12.38 36.63 6.23
N GLN F 124 -13.61 36.14 6.41
CA GLN F 124 -13.95 34.78 6.02
C GLN F 124 -14.90 34.84 4.83
N PRO F 125 -14.56 34.27 3.68
CA PRO F 125 -15.53 34.24 2.56
C PRO F 125 -16.76 33.37 2.86
N SER F 126 -17.64 33.23 1.86
CA SER F 126 -18.75 32.28 1.93
C SER F 126 -19.35 32.05 0.54
N PRO F 132 -31.32 23.48 -2.51
CA PRO F 132 -32.79 23.47 -2.50
C PRO F 132 -33.38 24.85 -2.19
N ALA F 133 -34.16 25.39 -3.11
CA ALA F 133 -34.79 26.70 -2.89
C ALA F 133 -35.70 26.71 -1.68
N SER F 134 -36.24 25.55 -1.28
CA SER F 134 -37.19 25.50 -0.17
C SER F 134 -36.58 26.07 1.11
N ASN F 135 -35.41 25.58 1.47
CA ASN F 135 -34.71 25.95 2.70
C ASN F 135 -33.85 27.19 2.54
N ILE F 136 -34.36 28.22 1.87
CA ILE F 136 -33.59 29.46 1.71
C ILE F 136 -33.54 30.25 3.01
N GLU F 137 -34.65 30.26 3.76
CA GLU F 137 -34.66 30.95 5.05
C GLU F 137 -33.60 30.37 5.99
N ILE F 138 -33.42 29.04 5.96
CA ILE F 138 -32.41 28.44 6.81
C ILE F 138 -31.01 28.89 6.40
N TYR F 139 -30.71 28.95 5.09
CA TYR F 139 -29.37 29.38 4.70
C TYR F 139 -29.10 30.80 5.18
N ARG F 140 -30.12 31.66 5.06
CA ARG F 140 -29.93 33.06 5.46
C ARG F 140 -29.48 33.12 6.92
N ARG F 141 -30.21 32.44 7.80
CA ARG F 141 -30.00 32.49 9.24
C ARG F 141 -28.67 31.91 9.63
N GLU F 142 -28.22 30.92 8.90
CA GLU F 142 -26.89 30.39 9.17
C GLU F 142 -25.78 31.37 8.74
N ILE F 143 -25.97 32.08 7.63
CA ILE F 143 -24.99 33.06 7.21
C ILE F 143 -24.87 34.16 8.28
N VAL F 144 -26.02 34.67 8.74
CA VAL F 144 -25.99 35.66 9.81
C VAL F 144 -25.36 35.07 11.07
N ARG F 145 -25.79 33.86 11.44
CA ARG F 145 -25.27 33.22 12.66
C ARG F 145 -23.76 33.06 12.60
N MET F 146 -23.25 32.66 11.43
CA MET F 146 -21.81 32.45 11.30
C MET F 146 -21.01 33.75 11.38
N LYS F 147 -21.44 34.80 10.69
CA LYS F 147 -20.73 36.07 10.75
C LYS F 147 -20.66 36.57 12.18
N GLU F 148 -21.74 36.42 12.92
CA GLU F 148 -21.78 36.86 14.30
C GLU F 148 -20.84 36.06 15.19
N ARG F 149 -20.77 34.74 14.99
CA ARG F 149 -19.83 33.95 15.76
C ARG F 149 -18.40 34.34 15.43
N LEU F 150 -18.10 34.59 14.16
CA LEU F 150 -16.74 34.93 13.77
C LEU F 150 -16.29 36.26 14.33
N ASP F 151 -17.17 37.26 14.27
CA ASP F 151 -16.85 38.56 14.85
C ASP F 151 -16.52 38.43 16.33
N ARG F 152 -17.31 37.67 17.07
CA ARG F 152 -17.07 37.54 18.51
C ARG F 152 -15.83 36.70 18.79
N ILE F 153 -15.57 35.67 17.98
CA ILE F 153 -14.35 34.89 18.15
C ILE F 153 -13.14 35.79 18.01
N PHE F 154 -13.09 36.60 16.94
CA PHE F 154 -11.91 37.44 16.73
C PHE F 154 -11.87 38.57 17.74
N ALA F 155 -13.02 39.06 18.20
CA ALA F 155 -13.04 40.09 19.22
C ALA F 155 -12.39 39.59 20.49
N GLU F 156 -12.82 38.41 20.95
CA GLU F 156 -12.23 37.83 22.14
C GLU F 156 -10.73 37.56 21.96
N ALA F 157 -10.33 37.15 20.76
CA ALA F 157 -8.95 36.75 20.56
C ALA F 157 -8.02 37.95 20.53
N THR F 158 -8.52 39.11 20.11
CA THR F 158 -7.71 40.29 19.90
C THR F 158 -7.87 41.35 20.98
N GLY F 159 -8.96 41.33 21.74
CA GLY F 159 -9.26 42.42 22.63
C GLY F 159 -10.05 43.56 22.01
N GLN F 160 -10.42 43.45 20.74
CA GLN F 160 -11.29 44.43 20.10
C GLN F 160 -12.74 44.09 20.43
N THR F 161 -13.64 45.03 20.16
CA THR F 161 -15.07 44.75 20.27
C THR F 161 -15.55 43.98 19.04
N PRO F 162 -16.65 43.23 19.14
CA PRO F 162 -17.20 42.58 17.94
C PRO F 162 -17.55 43.56 16.82
N GLU F 163 -18.05 44.74 17.18
CA GLU F 163 -18.38 45.76 16.19
C GLU F 163 -17.13 46.30 15.49
N LYS F 164 -16.04 46.49 16.24
CA LYS F 164 -14.79 46.91 15.61
C LYS F 164 -14.27 45.82 14.66
N ILE F 165 -14.33 44.55 15.08
CA ILE F 165 -13.97 43.47 14.17
C ILE F 165 -14.82 43.54 12.91
N SER F 166 -16.14 43.70 13.10
CA SER F 166 -17.08 43.72 11.98
C SER F 166 -16.79 44.90 11.06
N ALA F 167 -16.49 46.07 11.63
CA ALA F 167 -16.23 47.23 10.80
C ALA F 167 -14.95 47.07 10.00
N ASP F 168 -13.91 46.52 10.63
CA ASP F 168 -12.60 46.43 9.98
C ASP F 168 -12.47 45.30 8.97
N THR F 169 -13.13 44.16 9.19
CA THR F 169 -12.79 42.96 8.43
C THR F 169 -13.59 42.98 7.12
N GLU F 170 -12.89 43.18 6.00
CA GLU F 170 -13.49 43.03 4.68
C GLU F 170 -12.50 42.26 3.80
N ARG F 171 -12.94 42.02 2.56
CA ARG F 171 -12.21 41.14 1.66
C ARG F 171 -10.75 41.55 1.52
N ASP F 172 -10.46 42.84 1.49
CA ASP F 172 -9.08 43.27 1.24
C ASP F 172 -8.38 43.89 2.46
N PHE F 173 -8.79 43.52 3.67
CA PHE F 173 -8.22 44.10 4.89
C PHE F 173 -7.19 43.14 5.44
N TRP F 174 -5.93 43.33 5.02
CA TRP F 174 -4.79 42.54 5.44
C TRP F 174 -4.01 43.24 6.54
N LEU F 175 -3.45 42.45 7.45
CA LEU F 175 -2.58 42.97 8.50
C LEU F 175 -1.19 42.36 8.32
N ASN F 176 -0.16 43.20 8.32
CA ASN F 176 1.19 42.67 8.41
C ASN F 176 1.49 42.31 9.87
N ALA F 177 2.65 41.70 10.10
CA ALA F 177 2.94 41.15 11.42
C ALA F 177 2.92 42.25 12.47
N GLU F 178 3.51 43.42 12.15
CA GLU F 178 3.54 44.51 13.11
C GLU F 178 2.13 45.08 13.35
N GLU F 179 1.32 45.21 12.29
CA GLU F 179 -0.07 45.63 12.45
C GLU F 179 -0.88 44.58 13.22
N ALA F 180 -0.59 43.29 13.00
CA ALA F 180 -1.30 42.23 13.72
C ALA F 180 -0.93 42.24 15.21
N VAL F 181 0.30 42.62 15.54
CA VAL F 181 0.68 42.80 16.94
C VAL F 181 -0.10 43.96 17.55
N GLN F 182 -0.11 45.10 16.85
CA GLN F 182 -0.84 46.26 17.37
C GLN F 182 -2.33 45.97 17.51
N TYR F 183 -2.89 45.17 16.61
CA TYR F 183 -4.31 44.82 16.61
C TYR F 183 -4.70 43.86 17.73
N GLY F 184 -3.73 43.19 18.35
CA GLY F 184 -4.01 42.21 19.39
C GLY F 184 -4.04 40.78 18.91
N LEU F 185 -3.79 40.55 17.63
CA LEU F 185 -3.87 39.20 17.10
C LEU F 185 -2.62 38.38 17.39
N VAL F 186 -1.46 39.02 17.29
CA VAL F 186 -0.16 38.37 17.43
C VAL F 186 0.47 38.89 18.71
N ASN F 187 1.05 37.99 19.47
CA ASN F 187 1.72 38.45 20.67
C ASN F 187 3.12 38.98 20.37
N LYS F 188 3.92 38.24 19.61
CA LYS F 188 5.32 38.59 19.45
C LYS F 188 5.79 38.12 18.09
N ILE F 189 6.59 38.94 17.41
CA ILE F 189 7.23 38.58 16.16
C ILE F 189 8.57 37.94 16.49
N ILE F 190 8.85 36.79 15.89
CA ILE F 190 10.04 36.02 16.22
C ILE F 190 10.66 35.51 14.92
N VAL F 191 11.96 35.24 14.98
CA VAL F 191 12.68 34.63 13.87
C VAL F 191 13.30 33.28 14.23
N SER F 192 13.39 32.94 15.51
CA SER F 192 14.00 31.72 16.00
C SER F 192 13.03 31.04 16.95
N GLU F 193 13.05 29.70 16.94
CA GLU F 193 12.25 28.93 17.90
C GLU F 193 12.69 29.20 19.34
N ARG F 194 13.95 29.60 19.55
CA ARG F 194 14.42 29.92 20.89
C ARG F 194 13.70 31.13 21.50
N GLU F 195 13.02 31.94 20.69
CA GLU F 195 12.32 33.11 21.21
C GLU F 195 10.93 32.80 21.75
N ILE F 196 10.47 31.56 21.70
CA ILE F 196 9.16 31.21 22.25
C ILE F 196 9.28 31.09 23.77
N THR F 197 8.29 31.64 24.47
CA THR F 197 8.17 31.48 25.92
C THR F 197 6.93 30.66 26.24
N LEU F 198 7.11 29.49 26.83
CA LEU F 198 6.00 28.63 27.19
C LEU F 198 5.27 29.16 28.42
N PRO F 199 3.94 28.94 28.51
CA PRO F 199 3.16 29.41 29.66
C PRO F 199 3.50 28.70 30.97
N HIS G 14 4.16 -3.27 -7.07
CA HIS G 14 5.55 -3.70 -7.07
C HIS G 14 6.50 -2.82 -6.30
N GLY G 15 5.99 -1.69 -5.81
CA GLY G 15 6.81 -0.85 -4.98
C GLY G 15 7.33 -1.58 -3.77
N ALA G 16 6.48 -2.43 -3.15
CA ALA G 16 6.87 -3.12 -1.94
C ALA G 16 8.03 -4.07 -2.19
N ILE G 17 8.03 -4.77 -3.32
CA ILE G 17 9.14 -5.67 -3.62
C ILE G 17 10.43 -4.88 -3.72
N GLY G 18 10.43 -3.82 -4.53
CA GLY G 18 11.62 -3.00 -4.65
C GLY G 18 12.05 -2.41 -3.32
N ALA G 19 11.09 -2.00 -2.50
CA ALA G 19 11.43 -1.42 -1.21
C ALA G 19 12.10 -2.44 -0.30
N LYS G 20 11.57 -3.67 -0.29
CA LYS G 20 12.19 -4.71 0.52
C LYS G 20 13.58 -5.06 0.01
N LEU G 21 13.76 -5.20 -1.31
CA LEU G 21 15.08 -5.52 -1.83
C LEU G 21 16.08 -4.40 -1.58
N MET G 22 15.66 -3.14 -1.74
CA MET G 22 16.55 -2.03 -1.40
C MET G 22 17.03 -2.13 0.06
N GLU G 23 16.10 -2.41 0.97
CA GLU G 23 16.49 -2.56 2.36
C GLU G 23 17.59 -3.60 2.52
N TYR G 24 17.42 -4.78 1.89
CA TYR G 24 18.43 -5.82 1.99
C TYR G 24 19.73 -5.40 1.33
N ALA G 25 19.64 -4.77 0.16
CA ALA G 25 20.83 -4.33 -0.55
C ALA G 25 21.62 -3.32 0.27
N LEU G 26 20.92 -2.41 0.95
CA LEU G 26 21.61 -1.44 1.80
C LEU G 26 22.43 -2.16 2.88
N LYS G 27 21.86 -3.22 3.48
CA LYS G 27 22.57 -3.91 4.55
C LYS G 27 23.84 -4.59 4.06
N VAL G 28 23.91 -5.01 2.79
CA VAL G 28 25.12 -5.67 2.29
C VAL G 28 25.96 -4.72 1.44
N ARG G 29 25.65 -3.42 1.45
CA ARG G 29 26.46 -2.37 0.81
C ARG G 29 26.65 -2.64 -0.68
N LYS G 30 25.55 -2.98 -1.33
CA LYS G 30 25.53 -3.20 -2.76
C LYS G 30 24.52 -2.25 -3.39
N VAL G 31 24.93 -1.62 -4.48
CA VAL G 31 24.10 -0.69 -5.23
C VAL G 31 24.05 -1.19 -6.66
N PHE G 32 22.85 -1.15 -7.25
CA PHE G 32 22.61 -1.68 -8.57
C PHE G 32 22.19 -0.60 -9.55
N VAL G 33 22.90 -0.55 -10.67
CA VAL G 33 22.53 0.26 -11.82
C VAL G 33 22.28 -0.76 -12.93
N THR G 34 21.04 -1.24 -13.03
CA THR G 34 20.66 -2.34 -13.92
C THR G 34 19.61 -1.82 -14.88
N GLY G 35 19.87 -1.97 -16.16
CA GLY G 35 18.96 -1.46 -17.17
C GLY G 35 19.20 0.02 -17.45
N GLY G 36 18.19 0.63 -18.07
CA GLY G 36 18.30 2.01 -18.48
C GLY G 36 18.48 2.96 -17.30
N VAL G 37 19.38 3.91 -17.47
CA VAL G 37 19.62 4.96 -16.49
C VAL G 37 18.58 6.05 -16.71
N ASP G 38 17.65 6.19 -15.76
CA ASP G 38 16.66 7.24 -15.82
C ASP G 38 16.70 8.08 -14.53
N GLU G 39 15.91 9.15 -14.51
CA GLU G 39 15.90 10.04 -13.36
C GLU G 39 15.46 9.34 -12.08
N LYS G 40 14.47 8.50 -12.17
CA LYS G 40 13.98 7.84 -10.97
C LYS G 40 15.06 6.95 -10.38
N MET G 41 15.80 6.25 -11.25
CA MET G 41 16.93 5.46 -10.77
C MET G 41 17.99 6.35 -10.10
N ALA G 42 18.33 7.48 -10.71
CA ALA G 42 19.37 8.35 -10.15
C ALA G 42 19.00 8.84 -8.76
N LYS G 43 17.74 9.26 -8.58
CA LYS G 43 17.29 9.71 -7.26
C LYS G 43 17.52 8.65 -6.19
N ASP G 44 17.15 7.40 -6.49
CA ASP G 44 17.31 6.33 -5.50
C ASP G 44 18.79 6.02 -5.25
N VAL G 45 19.60 5.92 -6.31
CA VAL G 45 21.00 5.53 -6.12
C VAL G 45 21.77 6.59 -5.33
N VAL G 46 21.55 7.87 -5.65
CA VAL G 46 22.26 8.93 -4.95
C VAL G 46 21.94 8.88 -3.45
N GLN G 47 20.67 8.72 -3.11
CA GLN G 47 20.32 8.64 -1.70
C GLN G 47 20.93 7.42 -1.04
N GLN G 48 20.85 6.27 -1.71
CA GLN G 48 21.46 5.06 -1.16
C GLN G 48 22.93 5.29 -0.86
N LEU G 49 23.66 5.87 -1.82
CA LEU G 49 25.09 6.12 -1.61
C LEU G 49 25.34 7.00 -0.38
N HIS G 50 24.54 8.05 -0.23
CA HIS G 50 24.72 8.95 0.92
C HIS G 50 24.36 8.23 2.22
N ILE G 51 23.31 7.41 2.20
CA ILE G 51 22.98 6.64 3.39
C ILE G 51 24.11 5.68 3.73
N LEU G 52 24.60 4.92 2.73
CA LEU G 52 25.68 4.00 3.00
C LEU G 52 26.91 4.74 3.52
N ALA G 53 27.18 5.93 2.97
CA ALA G 53 28.35 6.69 3.44
C ALA G 53 28.18 7.13 4.88
N SER G 54 26.95 7.44 5.30
CA SER G 54 26.73 7.81 6.69
C SER G 54 26.86 6.60 7.62
N ILE G 55 26.57 5.41 7.14
CA ILE G 55 26.62 4.24 8.03
C ILE G 55 28.06 3.86 8.34
N SER G 56 28.94 3.87 7.34
CA SER G 56 30.34 3.53 7.58
C SER G 56 31.18 3.94 6.38
N ASP G 57 32.49 3.92 6.57
CA ASP G 57 33.44 4.21 5.50
C ASP G 57 33.81 2.96 4.71
N ASP G 58 33.19 1.81 5.00
CA ASP G 58 33.53 0.57 4.32
C ASP G 58 33.20 0.65 2.84
N PRO G 59 33.87 -0.17 2.03
CA PRO G 59 33.63 -0.12 0.58
C PRO G 59 32.19 -0.40 0.20
N ILE G 60 31.80 0.14 -0.95
CA ILE G 60 30.49 -0.04 -1.52
C ILE G 60 30.67 -0.69 -2.88
N TYR G 61 29.92 -1.75 -3.15
CA TYR G 61 29.97 -2.43 -4.44
C TYR G 61 28.84 -1.91 -5.31
N MET G 62 29.18 -1.46 -6.50
CA MET G 62 28.21 -1.02 -7.49
C MET G 62 28.34 -1.91 -8.72
N PHE G 63 27.22 -2.51 -9.12
CA PHE G 63 27.15 -3.39 -10.27
C PHE G 63 26.44 -2.64 -11.37
N VAL G 64 27.14 -2.41 -12.47
CA VAL G 64 26.65 -1.58 -13.56
C VAL G 64 26.48 -2.50 -14.76
N ASN G 65 25.27 -2.56 -15.27
CA ASN G 65 24.96 -3.28 -16.50
C ASN G 65 23.84 -2.47 -17.16
N SER G 66 24.24 -1.49 -17.97
CA SER G 66 23.31 -0.50 -18.50
C SER G 66 23.61 -0.19 -19.96
N PRO G 67 22.61 -0.22 -20.83
CA PRO G 67 22.84 0.13 -22.24
C PRO G 67 22.83 1.62 -22.51
N GLY G 68 22.60 2.46 -21.51
CA GLY G 68 22.56 3.89 -21.67
C GLY G 68 21.49 4.48 -20.78
N GLY G 69 21.03 5.68 -21.13
CA GLY G 69 20.00 6.33 -20.35
C GLY G 69 20.14 7.83 -20.40
N HIS G 70 19.57 8.47 -19.38
CA HIS G 70 19.51 9.93 -19.32
C HIS G 70 20.88 10.53 -19.08
N VAL G 71 21.19 11.60 -19.82
CA VAL G 71 22.53 12.17 -19.78
C VAL G 71 22.81 12.77 -18.42
N GLU G 72 21.81 13.52 -17.89
CA GLU G 72 21.94 14.19 -16.60
C GLU G 72 21.86 13.24 -15.43
N SER G 73 21.16 12.12 -15.57
CA SER G 73 21.02 11.19 -14.46
C SER G 73 22.35 10.49 -14.15
N GLY G 74 23.12 10.16 -15.19
CA GLY G 74 24.43 9.57 -14.96
C GLY G 74 25.34 10.49 -14.19
N ASP G 75 25.29 11.79 -14.50
CA ASP G 75 26.09 12.78 -13.78
C ASP G 75 25.77 12.82 -12.28
N MET G 76 24.50 12.76 -11.94
CA MET G 76 24.09 12.76 -10.53
C MET G 76 24.77 11.62 -9.79
N ILE G 77 24.77 10.43 -10.39
CA ILE G 77 25.40 9.28 -9.79
C ILE G 77 26.92 9.46 -9.76
N PHE G 78 27.50 9.91 -10.88
CA PHE G 78 28.93 10.24 -10.95
C PHE G 78 29.33 11.20 -9.84
N ASP G 79 28.59 12.30 -9.69
CA ASP G 79 28.94 13.29 -8.68
C ASP G 79 28.84 12.72 -7.27
N ALA G 80 27.81 11.91 -7.01
CA ALA G 80 27.65 11.32 -5.69
C ALA G 80 28.76 10.33 -5.39
N ILE G 81 29.12 9.50 -6.36
CA ILE G 81 30.24 8.59 -6.15
C ILE G 81 31.49 9.36 -5.77
N ARG G 82 31.75 10.47 -6.47
CA ARG G 82 32.96 11.25 -6.17
C ARG G 82 32.85 11.97 -4.83
N PHE G 83 31.63 12.34 -4.43
CA PHE G 83 31.44 13.14 -3.23
C PHE G 83 31.64 12.31 -1.97
N ILE G 84 31.11 11.08 -1.93
CA ILE G 84 31.15 10.33 -0.69
C ILE G 84 32.56 9.83 -0.41
N THR G 85 32.82 9.51 0.84
CA THR G 85 34.13 9.07 1.29
C THR G 85 34.40 7.60 0.97
N PRO G 86 33.44 6.69 1.14
CA PRO G 86 33.72 5.29 0.83
C PRO G 86 34.12 5.10 -0.63
N LYS G 87 35.08 4.22 -0.85
CA LYS G 87 35.47 3.86 -2.20
C LYS G 87 34.39 2.97 -2.78
N VAL G 88 34.00 3.26 -4.02
CA VAL G 88 33.02 2.48 -4.75
C VAL G 88 33.77 1.46 -5.62
N ILE G 89 33.45 0.18 -5.43
CA ILE G 89 34.00 -0.92 -6.22
C ILE G 89 33.07 -1.14 -7.40
N MET G 90 33.58 -0.93 -8.60
CA MET G 90 32.78 -0.84 -9.80
C MET G 90 32.93 -2.13 -10.60
N ILE G 91 31.83 -2.84 -10.80
CA ILE G 91 31.81 -4.07 -11.57
C ILE G 91 30.90 -3.87 -12.77
N GLY G 92 31.47 -3.83 -13.96
CA GLY G 92 30.73 -3.66 -15.19
C GLY G 92 30.47 -4.97 -15.85
N SER G 93 29.23 -5.16 -16.30
CA SER G 93 28.86 -6.39 -16.97
C SER G 93 27.94 -6.07 -18.13
N GLY G 94 27.89 -7.00 -19.09
CA GLY G 94 27.04 -6.88 -20.26
C GLY G 94 27.46 -5.72 -21.14
N SER G 95 26.65 -4.67 -21.17
CA SER G 95 26.96 -3.45 -21.90
C SER G 95 27.03 -2.32 -20.89
N VAL G 96 28.07 -1.49 -21.01
CA VAL G 96 28.25 -0.30 -20.18
C VAL G 96 28.40 0.87 -21.15
N ALA G 97 27.29 1.52 -21.46
CA ALA G 97 27.21 2.49 -22.53
C ALA G 97 26.65 3.81 -22.03
N SER G 98 27.17 4.90 -22.58
CA SER G 98 26.65 6.26 -22.37
C SER G 98 26.58 6.55 -20.88
N ALA G 99 25.40 6.79 -20.31
CA ALA G 99 25.31 7.13 -18.90
C ALA G 99 25.96 6.06 -18.03
N GLY G 100 25.84 4.80 -18.43
CA GLY G 100 26.47 3.74 -17.65
C GLY G 100 27.99 3.85 -17.65
N ALA G 101 28.56 4.26 -18.78
CA ALA G 101 30.01 4.41 -18.85
C ALA G 101 30.49 5.60 -18.02
N LEU G 102 29.73 6.69 -18.02
CA LEU G 102 30.10 7.83 -17.18
C LEU G 102 30.10 7.44 -15.70
N ILE G 103 29.04 6.76 -15.27
CA ILE G 103 28.98 6.25 -13.90
C ILE G 103 30.18 5.37 -13.62
N TYR G 104 30.46 4.43 -14.53
CA TYR G 104 31.57 3.50 -14.37
C TYR G 104 32.88 4.25 -14.14
N ALA G 105 33.08 5.34 -14.88
CA ALA G 105 34.32 6.10 -14.79
C ALA G 105 34.47 6.87 -13.48
N ALA G 106 33.42 6.98 -12.65
CA ALA G 106 33.53 7.74 -11.41
C ALA G 106 34.41 7.04 -10.38
N ALA G 107 34.48 5.70 -10.44
CA ALA G 107 35.29 4.94 -9.50
C ALA G 107 36.78 5.12 -9.80
N ASP G 108 37.60 4.98 -8.76
CA ASP G 108 39.05 4.98 -8.96
C ASP G 108 39.46 3.85 -9.91
N LYS G 109 40.51 4.11 -10.68
CA LYS G 109 41.00 3.13 -11.66
C LYS G 109 41.19 1.75 -11.04
N GLU G 110 41.89 1.67 -9.91
CA GLU G 110 42.18 0.38 -9.29
C GLU G 110 40.92 -0.38 -8.87
N ASN G 111 39.76 0.27 -8.84
CA ASN G 111 38.52 -0.35 -8.40
C ASN G 111 37.55 -0.60 -9.55
N ARG G 112 38.03 -0.56 -10.80
CA ARG G 112 37.18 -0.75 -11.96
C ARG G 112 37.40 -2.15 -12.52
N TYR G 113 36.39 -3.00 -12.33
CA TYR G 113 36.41 -4.39 -12.78
C TYR G 113 35.41 -4.61 -13.91
N SER G 114 35.65 -5.67 -14.67
CA SER G 114 34.79 -6.00 -15.80
C SER G 114 34.68 -7.51 -15.92
N LEU G 115 33.52 -7.97 -16.38
CA LEU G 115 33.38 -9.36 -16.77
C LEU G 115 34.04 -9.58 -18.13
N PRO G 116 34.39 -10.82 -18.48
CA PRO G 116 35.12 -11.03 -19.74
C PRO G 116 34.34 -10.55 -20.95
N ASN G 117 33.01 -10.67 -20.94
CA ASN G 117 32.21 -10.39 -22.12
C ASN G 117 31.75 -8.95 -22.17
N THR G 118 32.11 -8.12 -21.20
CA THR G 118 31.58 -6.77 -21.10
C THR G 118 32.04 -5.91 -22.27
N ARG G 119 31.12 -5.09 -22.77
CA ARG G 119 31.38 -4.11 -23.82
C ARG G 119 31.17 -2.70 -23.28
N PHE G 120 32.10 -1.81 -23.60
CA PHE G 120 32.06 -0.44 -23.11
C PHE G 120 31.94 0.54 -24.27
N LEU G 121 31.07 1.54 -24.12
CA LEU G 121 30.89 2.61 -25.09
C LEU G 121 31.05 3.91 -24.32
N LEU G 122 32.08 4.68 -24.65
CA LEU G 122 32.34 5.92 -23.93
C LEU G 122 31.71 7.15 -24.57
N HIS G 123 31.00 7.04 -25.69
CA HIS G 123 30.50 8.23 -26.36
C HIS G 123 29.09 8.53 -25.85
N GLN G 124 28.83 9.81 -25.60
CA GLN G 124 27.56 10.24 -25.06
C GLN G 124 26.75 11.01 -26.09
N PRO G 125 25.51 10.61 -26.36
CA PRO G 125 24.65 11.43 -27.24
C PRO G 125 24.28 12.75 -26.58
N SER G 126 23.91 13.71 -27.41
CA SER G 126 23.43 14.99 -26.92
C SER G 126 21.91 15.05 -26.96
N ALA G 133 14.11 28.87 -27.23
CA ALA G 133 14.21 28.93 -28.68
C ALA G 133 14.87 30.22 -29.15
N SER G 134 14.65 31.31 -28.41
CA SER G 134 15.14 32.60 -28.88
C SER G 134 16.67 32.64 -28.91
N ASN G 135 17.32 32.41 -27.77
CA ASN G 135 18.77 32.41 -27.69
C ASN G 135 19.34 31.02 -27.93
N ILE G 136 19.71 30.76 -29.18
CA ILE G 136 20.37 29.51 -29.53
C ILE G 136 21.80 29.50 -28.99
N GLU G 137 22.42 30.68 -28.83
CA GLU G 137 23.81 30.73 -28.41
C GLU G 137 24.01 30.02 -27.08
N ILE G 138 23.06 30.17 -26.14
CA ILE G 138 23.19 29.48 -24.85
C ILE G 138 23.10 27.98 -25.05
N TYR G 139 22.22 27.52 -25.94
CA TYR G 139 22.13 26.09 -26.22
C TYR G 139 23.43 25.56 -26.82
N ARG G 140 24.03 26.31 -27.74
CA ARG G 140 25.28 25.86 -28.32
C ARG G 140 26.36 25.67 -27.27
N ARG G 141 26.61 26.70 -26.46
CA ARG G 141 27.76 26.67 -25.55
C ARG G 141 27.66 25.55 -24.51
N GLU G 142 26.43 25.19 -24.09
CA GLU G 142 26.30 24.07 -23.16
C GLU G 142 26.60 22.74 -23.85
N ILE G 143 26.24 22.59 -25.13
CA ILE G 143 26.62 21.38 -25.87
C ILE G 143 28.14 21.27 -25.93
N VAL G 144 28.80 22.37 -26.26
CA VAL G 144 30.27 22.40 -26.22
C VAL G 144 30.75 22.15 -24.80
N ARG G 145 30.14 22.83 -23.82
CA ARG G 145 30.55 22.66 -22.43
C ARG G 145 30.43 21.20 -22.00
N MET G 146 29.33 20.54 -22.37
CA MET G 146 29.14 19.15 -21.97
C MET G 146 30.16 18.22 -22.65
N LYS G 147 30.37 18.40 -23.96
CA LYS G 147 31.33 17.54 -24.65
C LYS G 147 32.72 17.72 -24.05
N GLU G 148 33.09 18.96 -23.77
CA GLU G 148 34.41 19.21 -23.19
C GLU G 148 34.49 18.66 -21.76
N ARG G 149 33.38 18.73 -21.03
CA ARG G 149 33.37 18.17 -19.69
C ARG G 149 33.59 16.67 -19.75
N LEU G 150 32.92 16.00 -20.68
CA LEU G 150 32.98 14.55 -20.78
C LEU G 150 34.34 14.07 -21.28
N ASP G 151 34.91 14.79 -22.24
CA ASP G 151 36.24 14.43 -22.71
C ASP G 151 37.26 14.43 -21.57
N ARG G 152 37.20 15.44 -20.70
CA ARG G 152 38.17 15.53 -19.61
C ARG G 152 37.93 14.45 -18.56
N ILE G 153 36.66 14.13 -18.28
CA ILE G 153 36.38 13.06 -17.32
C ILE G 153 36.99 11.75 -17.80
N PHE G 154 36.72 11.38 -19.05
CA PHE G 154 37.20 10.11 -19.57
C PHE G 154 38.70 10.13 -19.82
N ALA G 155 39.26 11.30 -20.17
CA ALA G 155 40.71 11.41 -20.28
C ALA G 155 41.36 11.15 -18.93
N GLU G 156 40.86 11.79 -17.87
CA GLU G 156 41.40 11.56 -16.54
C GLU G 156 41.16 10.14 -16.06
N ALA G 157 40.04 9.53 -16.43
CA ALA G 157 39.73 8.20 -15.91
C ALA G 157 40.60 7.13 -16.56
N THR G 158 40.99 7.35 -17.82
CA THR G 158 41.72 6.35 -18.59
C THR G 158 43.20 6.65 -18.73
N GLY G 159 43.60 7.91 -18.59
CA GLY G 159 44.95 8.29 -18.93
C GLY G 159 45.18 8.67 -20.38
N GLN G 160 44.13 8.62 -21.20
CA GLN G 160 44.26 9.11 -22.56
C GLN G 160 44.20 10.64 -22.56
N THR G 161 44.62 11.24 -23.68
CA THR G 161 44.48 12.68 -23.79
C THR G 161 43.04 13.04 -24.10
N PRO G 162 42.61 14.25 -23.71
CA PRO G 162 41.26 14.70 -24.14
C PRO G 162 41.10 14.70 -25.66
N GLU G 163 42.15 15.03 -26.41
CA GLU G 163 42.05 15.02 -27.86
C GLU G 163 41.85 13.60 -28.38
N LYS G 164 42.57 12.63 -27.81
CA LYS G 164 42.32 11.24 -28.17
C LYS G 164 40.90 10.83 -27.82
N ILE G 165 40.47 11.18 -26.60
CA ILE G 165 39.09 10.93 -26.21
C ILE G 165 38.14 11.63 -27.18
N SER G 166 38.38 12.90 -27.45
CA SER G 166 37.49 13.67 -28.32
C SER G 166 37.40 13.05 -29.71
N ALA G 167 38.53 12.56 -30.24
CA ALA G 167 38.52 11.92 -31.54
C ALA G 167 37.68 10.65 -31.52
N ASP G 168 37.74 9.88 -30.42
CA ASP G 168 37.00 8.63 -30.34
C ASP G 168 35.50 8.89 -30.18
N THR G 169 35.11 10.01 -29.53
CA THR G 169 33.73 10.27 -29.17
C THR G 169 33.00 10.98 -30.29
N GLU G 170 33.58 11.01 -31.51
CA GLU G 170 32.86 11.63 -32.63
C GLU G 170 31.67 10.76 -33.02
N ARG G 171 31.87 9.45 -33.10
CA ARG G 171 30.80 8.49 -33.32
C ARG G 171 30.75 7.48 -32.19
N ASP G 172 30.23 6.27 -32.46
CA ASP G 172 30.03 5.27 -31.42
C ASP G 172 31.15 4.23 -31.47
N PHE G 173 32.16 4.46 -30.62
CA PHE G 173 33.38 3.66 -30.55
C PHE G 173 33.27 2.67 -29.38
N TRP G 174 33.11 1.40 -29.70
CA TRP G 174 32.93 0.35 -28.72
C TRP G 174 34.22 -0.38 -28.36
N LEU G 175 34.32 -0.79 -27.10
CA LEU G 175 35.45 -1.56 -26.60
C LEU G 175 35.01 -2.85 -25.91
N ASN G 176 35.66 -3.97 -26.25
CA ASN G 176 35.49 -5.19 -25.47
C ASN G 176 36.36 -5.12 -24.20
N ALA G 177 36.21 -6.14 -23.34
CA ALA G 177 36.83 -6.07 -22.02
C ALA G 177 38.35 -5.94 -22.14
N GLU G 178 38.96 -6.74 -23.03
CA GLU G 178 40.40 -6.68 -23.20
C GLU G 178 40.81 -5.36 -23.85
N GLU G 179 40.03 -4.87 -24.82
CA GLU G 179 40.31 -3.56 -25.41
C GLU G 179 40.16 -2.45 -24.38
N ALA G 180 39.17 -2.58 -23.48
CA ALA G 180 38.96 -1.55 -22.47
C ALA G 180 40.10 -1.52 -21.46
N VAL G 181 40.71 -2.66 -21.17
CA VAL G 181 41.85 -2.69 -20.26
C VAL G 181 43.03 -1.94 -20.85
N GLN G 182 43.38 -2.23 -22.10
CA GLN G 182 44.48 -1.51 -22.74
C GLN G 182 44.18 -0.03 -22.87
N TYR G 183 42.92 0.34 -23.08
CA TYR G 183 42.56 1.74 -23.21
C TYR G 183 42.69 2.50 -21.89
N GLY G 184 42.73 1.80 -20.75
CA GLY G 184 42.84 2.42 -19.45
C GLY G 184 41.52 2.56 -18.70
N LEU G 185 40.41 2.08 -19.25
CA LEU G 185 39.13 2.25 -18.59
C LEU G 185 38.89 1.20 -17.52
N VAL G 186 39.28 -0.04 -17.77
CA VAL G 186 39.06 -1.16 -16.87
C VAL G 186 40.39 -1.58 -16.28
N ASN G 187 40.42 -1.85 -14.98
CA ASN G 187 41.67 -2.29 -14.36
C ASN G 187 41.90 -3.78 -14.50
N LYS G 188 40.86 -4.60 -14.27
CA LYS G 188 41.01 -6.04 -14.20
C LYS G 188 39.75 -6.74 -14.67
N ILE G 189 39.93 -7.79 -15.47
CA ILE G 189 38.84 -8.65 -15.89
C ILE G 189 38.73 -9.80 -14.90
N ILE G 190 37.52 -10.08 -14.42
CA ILE G 190 37.28 -11.09 -13.40
C ILE G 190 36.04 -11.89 -13.75
N VAL G 191 35.95 -13.09 -13.16
CA VAL G 191 34.74 -13.90 -13.28
C VAL G 191 34.10 -14.21 -11.93
N SER G 192 34.82 -14.03 -10.83
CA SER G 192 34.32 -14.34 -9.51
C SER G 192 34.55 -13.15 -8.61
N GLU G 193 33.62 -12.93 -7.68
CA GLU G 193 33.79 -11.89 -6.68
C GLU G 193 35.05 -12.12 -5.84
N ARG G 194 35.52 -13.37 -5.75
CA ARG G 194 36.74 -13.64 -5.01
C ARG G 194 37.95 -12.99 -5.64
N GLU G 195 37.88 -12.60 -6.91
CA GLU G 195 39.03 -11.98 -7.57
C GLU G 195 39.13 -10.48 -7.34
N ILE G 196 38.18 -9.88 -6.62
CA ILE G 196 38.26 -8.47 -6.29
C ILE G 196 39.27 -8.32 -5.15
N THR G 197 40.16 -7.34 -5.26
CA THR G 197 41.10 -7.03 -4.19
C THR G 197 40.77 -5.65 -3.65
N LEU G 198 40.40 -5.58 -2.37
CA LEU G 198 40.03 -4.31 -1.77
C LEU G 198 41.27 -3.42 -1.60
N PRO G 199 41.09 -2.09 -1.72
CA PRO G 199 42.23 -1.17 -1.61
C PRO G 199 42.83 -1.09 -0.21
#